data_3VXT
#
_entry.id   3VXT
#
_cell.length_a   45.768
_cell.length_b   65.036
_cell.length_c   92.275
_cell.angle_alpha   91.300
_cell.angle_beta   94.190
_cell.angle_gamma   105.930
#
_symmetry.space_group_name_H-M   'P 1'
#
loop_
_entity.id
_entity.type
_entity.pdbx_description
1 polymer 'T36-5 TCR alpha chain'
2 polymer 'T36-5 TCR beta chain'
3 water water
#
loop_
_entity_poly.entity_id
_entity_poly.type
_entity_poly.pdbx_seq_one_letter_code
_entity_poly.pdbx_strand_id
1 'polypeptide(L)'
;MQKEVEQNSGPLSVPEGAIASLNCTYSDRGSQSFFWYRQYSGKSPELIMSIYSNGDKEDGRFTAQLNKASQYVSLLIRDS
QPSDSATYLWGTYNQGGKLIFGQGTELSVKPNIQNPDPAVYQLRDSKSSDKSVCLFTDFDSQTNVSQSKDSDVYITDKCV
LDMRSMDFKSNSAVAWSNKSDFACANAFNNSIIPEDTFFPSPESS
;
C,A
2 'polypeptide(L)'
;MEAQVTQNPRYLITVTGKKLTVTCSQNMNHEYMSWYRQDPGLGLRQIYYSMNVEVTDKGDVPEGYKVSRKEKRNFPLILE
SPSPNQTSLYFCASSGASHEQYFGPGTRLTVTEDLKNVFPPEVAVFEPSEAEISHTQKATLVCLATGFYPDHVELSWWVN
GKEVHSGVCTDPQPLKEQPALNDSRYALSSRLRVSATFWQNPRNHFRCQVQFYGLSENDEWTQDRAKPVTQIVSAEAWGR
AD
;
D,B
#
# COMPACT_ATOMS: atom_id res chain seq x y z
N LYS A 3 14.53 -2.34 -9.66
CA LYS A 3 15.38 -2.78 -8.51
C LYS A 3 15.93 -1.62 -7.69
N GLU A 4 15.10 -0.60 -7.47
CA GLU A 4 15.49 0.56 -6.70
C GLU A 4 14.25 1.15 -6.04
N VAL A 5 14.35 2.42 -5.65
CA VAL A 5 13.28 3.13 -4.98
C VAL A 5 11.89 3.12 -5.65
N GLU A 6 10.89 3.38 -4.81
CA GLU A 6 9.48 3.43 -5.13
C GLU A 6 8.85 2.21 -5.79
N GLN A 7 9.20 1.04 -5.29
CA GLN A 7 8.55 -0.19 -5.74
C GLN A 7 7.33 0.20 -4.91
N ASN A 8 6.12 -0.17 -5.30
CA ASN A 8 4.99 0.26 -4.49
C ASN A 8 4.99 -0.28 -3.06
N SER A 9 5.11 0.68 -2.15
CA SER A 9 5.17 0.50 -0.71
C SER A 9 4.22 -0.56 -0.15
N GLY A 10 4.68 -1.26 0.89
CA GLY A 10 3.85 -2.25 1.52
C GLY A 10 3.71 -3.61 0.84
N PRO A 11 3.52 -4.65 1.65
CA PRO A 11 3.35 -6.03 1.21
C PRO A 11 1.85 -6.12 0.91
N LEU A 12 1.50 -6.19 -0.38
CA LEU A 12 0.09 -6.24 -0.78
C LEU A 12 -0.77 -7.27 -0.03
N SER A 13 -1.86 -6.78 0.55
CA SER A 13 -2.80 -7.60 1.30
C SER A 13 -4.12 -7.71 0.56
N VAL A 14 -4.70 -8.92 0.55
CA VAL A 14 -5.95 -9.17 -0.16
C VAL A 14 -6.83 -10.19 0.55
N PRO A 15 -8.14 -9.91 0.67
CA PRO A 15 -9.08 -10.83 1.33
C PRO A 15 -9.19 -12.12 0.51
N GLU A 16 -9.56 -13.22 1.15
CA GLU A 16 -9.70 -14.49 0.45
C GLU A 16 -10.87 -14.41 -0.50
N GLY A 17 -10.66 -14.82 -1.74
CA GLY A 17 -11.72 -14.80 -2.73
C GLY A 17 -11.75 -13.56 -3.59
N ALA A 18 -11.01 -12.53 -3.19
CA ALA A 18 -10.97 -11.28 -3.95
C ALA A 18 -9.91 -11.25 -5.05
N ILE A 19 -10.02 -10.29 -5.96
CA ILE A 19 -9.08 -10.10 -7.06
C ILE A 19 -7.78 -9.44 -6.54
N ALA A 20 -6.64 -9.86 -7.07
CA ALA A 20 -5.37 -9.26 -6.66
C ALA A 20 -4.74 -8.61 -7.90
N SER A 21 -4.45 -7.32 -7.80
CA SER A 21 -3.86 -6.59 -8.90
C SER A 21 -2.47 -6.06 -8.61
N LEU A 22 -1.51 -6.49 -9.43
CA LEU A 22 -0.12 -6.08 -9.32
C LEU A 22 0.25 -5.34 -10.59
N ASN A 23 0.65 -4.08 -10.46
CA ASN A 23 1.06 -3.29 -11.62
C ASN A 23 2.46 -2.79 -11.34
N CYS A 24 3.36 -2.99 -12.29
CA CYS A 24 4.73 -2.55 -12.17
C CYS A 24 5.12 -1.83 -13.44
N THR A 25 5.55 -0.58 -13.31
CA THR A 25 5.97 0.19 -14.46
C THR A 25 7.46 -0.14 -14.61
N TYR A 26 7.93 -0.22 -15.85
CA TYR A 26 9.34 -0.54 -16.09
C TYR A 26 10.07 0.59 -16.81
N SER A 27 11.38 0.44 -17.00
CA SER A 27 12.16 1.51 -17.64
C SER A 27 12.65 1.32 -19.07
N ASP A 28 13.50 0.34 -19.30
CA ASP A 28 14.06 0.10 -20.62
C ASP A 28 13.02 -0.15 -21.71
N ARG A 29 12.92 0.80 -22.64
CA ARG A 29 11.96 0.70 -23.73
C ARG A 29 12.31 -0.47 -24.64
N GLY A 30 13.58 -0.84 -24.65
CA GLY A 30 14.05 -1.94 -25.48
C GLY A 30 13.47 -3.28 -25.07
N SER A 31 12.82 -3.31 -23.91
CA SER A 31 12.21 -4.53 -23.39
C SER A 31 10.94 -4.82 -24.17
N GLN A 32 10.75 -6.07 -24.55
CA GLN A 32 9.56 -6.46 -25.32
C GLN A 32 9.02 -7.84 -24.95
N SER A 33 9.60 -8.46 -23.93
CA SER A 33 9.16 -9.79 -23.50
C SER A 33 9.18 -9.93 -21.97
N PHE A 34 8.01 -10.20 -21.38
CA PHE A 34 7.89 -10.30 -19.92
C PHE A 34 7.35 -11.62 -19.33
N PHE A 35 7.99 -12.07 -18.26
CA PHE A 35 7.63 -13.32 -17.57
C PHE A 35 7.40 -13.12 -16.08
N TRP A 36 6.36 -13.74 -15.55
CA TRP A 36 6.05 -13.66 -14.13
C TRP A 36 6.54 -14.89 -13.37
N TYR A 37 7.12 -14.65 -12.21
CA TYR A 37 7.66 -15.71 -11.39
C TYR A 37 7.07 -15.65 -10.02
N ARG A 38 6.75 -16.81 -9.47
CA ARG A 38 6.18 -16.89 -8.13
C ARG A 38 7.20 -17.59 -7.26
N GLN A 39 7.41 -17.03 -6.08
CA GLN A 39 8.37 -17.60 -5.18
C GLN A 39 7.83 -17.67 -3.77
N TYR A 40 7.71 -18.90 -3.26
CA TYR A 40 7.26 -19.13 -1.91
C TYR A 40 8.51 -18.83 -1.06
N SER A 41 8.33 -18.53 0.23
CA SER A 41 9.43 -18.13 1.12
C SER A 41 10.85 -18.68 0.98
N GLY A 42 11.09 -19.92 1.39
CA GLY A 42 12.44 -20.43 1.29
C GLY A 42 12.72 -21.23 0.04
N LYS A 43 11.78 -21.18 -0.91
CA LYS A 43 11.92 -21.93 -2.15
C LYS A 43 12.46 -21.12 -3.31
N SER A 44 12.62 -21.81 -4.44
CA SER A 44 13.13 -21.19 -5.65
C SER A 44 11.99 -20.59 -6.47
N PRO A 45 12.30 -19.53 -7.23
CA PRO A 45 11.29 -18.86 -8.06
C PRO A 45 10.84 -19.79 -9.20
N GLU A 46 9.58 -19.67 -9.60
CA GLU A 46 9.06 -20.50 -10.67
C GLU A 46 8.13 -19.74 -11.63
N LEU A 47 8.44 -19.84 -12.92
CA LEU A 47 7.67 -19.19 -13.96
C LEU A 47 6.21 -19.58 -13.86
N ILE A 48 5.33 -18.61 -14.06
CA ILE A 48 3.90 -18.88 -14.01
C ILE A 48 3.17 -18.18 -15.13
N MET A 49 3.84 -17.29 -15.83
CA MET A 49 3.17 -16.58 -16.90
C MET A 49 4.12 -15.85 -17.84
N SER A 50 3.84 -16.00 -19.14
CA SER A 50 4.63 -15.36 -20.19
C SER A 50 3.70 -14.49 -21.03
N ILE A 51 4.25 -13.37 -21.51
CA ILE A 51 3.50 -12.42 -22.30
C ILE A 51 4.45 -11.89 -23.36
N TYR A 52 3.99 -11.78 -24.60
CA TYR A 52 4.85 -11.34 -25.68
C TYR A 52 4.43 -10.06 -26.41
N SER A 53 3.15 -9.97 -26.75
CA SER A 53 2.63 -8.81 -27.46
C SER A 53 1.90 -7.88 -26.52
N ASN A 54 1.80 -6.62 -26.92
CA ASN A 54 1.09 -5.63 -26.13
C ASN A 54 -0.37 -6.08 -26.04
N GLY A 55 -0.74 -6.67 -24.91
CA GLY A 55 -2.11 -7.13 -24.75
C GLY A 55 -2.41 -7.84 -23.44
N ASP A 56 -3.23 -8.87 -23.52
CA ASP A 56 -3.63 -9.66 -22.35
C ASP A 56 -3.40 -11.14 -22.63
N LYS A 57 -3.17 -11.90 -21.57
CA LYS A 57 -2.94 -13.34 -21.67
C LYS A 57 -3.60 -13.99 -20.46
N GLU A 58 -4.33 -15.08 -20.68
CA GLU A 58 -5.03 -15.74 -19.58
C GLU A 58 -4.59 -17.18 -19.31
N ASP A 59 -4.65 -17.58 -18.04
CA ASP A 59 -4.28 -18.93 -17.63
C ASP A 59 -4.97 -19.30 -16.32
N GLY A 60 -6.19 -19.80 -16.42
CA GLY A 60 -6.90 -20.17 -15.22
C GLY A 60 -7.26 -18.95 -14.41
N ARG A 61 -6.78 -18.87 -13.17
CA ARG A 61 -7.08 -17.74 -12.31
C ARG A 61 -6.14 -16.56 -12.55
N PHE A 62 -5.15 -16.74 -13.42
CA PHE A 62 -4.19 -15.68 -13.70
C PHE A 62 -4.42 -14.95 -15.02
N THR A 63 -4.08 -13.66 -15.00
CA THR A 63 -4.17 -12.77 -16.16
C THR A 63 -2.96 -11.86 -16.07
N ALA A 64 -2.18 -11.77 -17.15
CA ALA A 64 -1.01 -10.89 -17.16
C ALA A 64 -1.18 -9.84 -18.24
N GLN A 65 -0.99 -8.60 -17.85
CA GLN A 65 -1.14 -7.52 -18.80
C GLN A 65 0.20 -6.86 -19.11
N LEU A 66 0.29 -6.40 -20.34
CA LEU A 66 1.48 -5.72 -20.82
C LEU A 66 1.06 -4.50 -21.63
N ASN A 67 1.51 -3.34 -21.19
CA ASN A 67 1.22 -2.10 -21.87
C ASN A 67 2.55 -1.43 -22.15
N LYS A 68 3.03 -1.56 -23.38
CA LYS A 68 4.30 -0.99 -23.78
C LYS A 68 4.17 0.53 -23.94
N ALA A 69 2.96 1.00 -24.25
CA ALA A 69 2.69 2.44 -24.39
C ALA A 69 3.06 3.12 -23.08
N SER A 70 2.36 2.73 -22.02
CA SER A 70 2.56 3.27 -20.67
C SER A 70 3.81 2.69 -20.00
N GLN A 71 4.24 1.53 -20.47
CA GLN A 71 5.40 0.86 -19.93
C GLN A 71 5.17 0.23 -18.56
N TYR A 72 4.11 -0.58 -18.46
CA TYR A 72 3.81 -1.27 -17.22
C TYR A 72 3.42 -2.74 -17.49
N VAL A 73 3.89 -3.63 -16.62
CA VAL A 73 3.58 -5.06 -16.70
C VAL A 73 2.66 -5.33 -15.52
N SER A 74 1.60 -6.08 -15.72
CA SER A 74 0.74 -6.36 -14.59
C SER A 74 0.38 -7.85 -14.46
N LEU A 75 -0.17 -8.21 -13.31
CA LEU A 75 -0.57 -9.57 -13.05
C LEU A 75 -1.84 -9.52 -12.22
N LEU A 76 -2.85 -10.27 -12.63
CA LEU A 76 -4.08 -10.31 -11.88
C LEU A 76 -4.40 -11.74 -11.52
N ILE A 77 -4.70 -11.96 -10.24
CA ILE A 77 -5.06 -13.28 -9.75
C ILE A 77 -6.51 -13.26 -9.29
N ARG A 78 -7.38 -13.96 -9.98
CA ARG A 78 -8.80 -14.01 -9.61
C ARG A 78 -9.04 -15.05 -8.55
N ASP A 79 -10.03 -14.84 -7.69
CA ASP A 79 -10.38 -15.83 -6.68
C ASP A 79 -9.20 -16.16 -5.77
N SER A 80 -8.57 -15.14 -5.20
CA SER A 80 -7.41 -15.35 -4.34
C SER A 80 -7.52 -16.35 -3.19
N GLN A 81 -6.58 -17.29 -3.18
CA GLN A 81 -6.50 -18.31 -2.13
C GLN A 81 -5.31 -17.96 -1.24
N PRO A 82 -5.36 -18.31 0.06
CA PRO A 82 -4.26 -18.00 0.96
C PRO A 82 -2.94 -18.62 0.49
N SER A 83 -3.06 -19.77 -0.16
CA SER A 83 -1.92 -20.50 -0.71
C SER A 83 -1.20 -19.68 -1.81
N ASP A 84 -1.80 -18.57 -2.23
CA ASP A 84 -1.19 -17.71 -3.25
C ASP A 84 -0.17 -16.78 -2.62
N SER A 85 -0.20 -16.72 -1.30
CA SER A 85 0.72 -15.85 -0.57
C SER A 85 2.17 -16.18 -0.88
N ALA A 86 2.81 -15.29 -1.65
CA ALA A 86 4.20 -15.48 -2.03
C ALA A 86 4.77 -14.16 -2.52
N THR A 87 5.98 -14.23 -3.05
CA THR A 87 6.61 -13.05 -3.58
C THR A 87 6.57 -13.21 -5.10
N TYR A 88 5.90 -12.28 -5.75
CA TYR A 88 5.78 -12.31 -7.18
C TYR A 88 6.75 -11.29 -7.77
N LEU A 89 7.45 -11.68 -8.83
CA LEU A 89 8.38 -10.78 -9.49
C LEU A 89 8.41 -11.03 -10.99
N TRP A 90 8.41 -9.95 -11.75
CA TRP A 90 8.44 -10.05 -13.20
C TRP A 90 9.85 -10.00 -13.74
N GLY A 91 10.03 -10.61 -14.90
CA GLY A 91 11.33 -10.64 -15.53
C GLY A 91 11.19 -10.29 -17.00
N THR A 92 12.28 -9.84 -17.59
CA THR A 92 12.31 -9.47 -19.00
C THR A 92 13.69 -9.72 -19.62
N TYR A 93 13.71 -9.77 -20.94
CA TYR A 93 14.94 -9.95 -21.69
C TYR A 93 15.05 -8.61 -22.41
N ASN A 94 16.09 -7.84 -22.13
CA ASN A 94 16.26 -6.55 -22.80
C ASN A 94 17.15 -6.74 -24.01
N GLN A 95 17.18 -5.77 -24.91
CA GLN A 95 18.01 -5.91 -26.10
C GLN A 95 19.50 -6.06 -25.82
N GLY A 96 19.89 -5.86 -24.55
CA GLY A 96 21.30 -5.99 -24.18
C GLY A 96 21.74 -7.43 -23.98
N GLY A 97 20.83 -8.37 -24.17
CA GLY A 97 21.19 -9.77 -24.00
C GLY A 97 21.05 -10.26 -22.56
N LYS A 98 21.06 -9.36 -21.59
CA LYS A 98 20.93 -9.79 -20.19
C LYS A 98 19.47 -9.84 -19.76
N LEU A 99 19.22 -10.63 -18.72
CA LEU A 99 17.88 -10.81 -18.17
C LEU A 99 17.72 -9.95 -16.94
N ILE A 100 16.57 -9.30 -16.80
CA ILE A 100 16.35 -8.44 -15.67
C ILE A 100 15.10 -8.77 -14.88
N PHE A 101 15.24 -8.71 -13.56
CA PHE A 101 14.17 -8.97 -12.61
C PHE A 101 13.87 -7.65 -11.91
N GLY A 102 12.66 -7.13 -12.11
CA GLY A 102 12.28 -5.88 -11.47
C GLY A 102 11.83 -6.13 -10.03
N GLN A 103 11.34 -5.07 -9.38
CA GLN A 103 10.87 -5.19 -8.01
C GLN A 103 9.97 -6.42 -7.84
N GLY A 104 10.15 -7.13 -6.73
CA GLY A 104 9.34 -8.30 -6.46
C GLY A 104 8.36 -7.96 -5.36
N THR A 105 7.06 -8.07 -5.63
CA THR A 105 6.04 -7.73 -4.63
C THR A 105 5.55 -8.92 -3.79
N GLU A 106 5.30 -8.65 -2.51
CA GLU A 106 4.82 -9.68 -1.58
C GLU A 106 3.30 -9.66 -1.50
N LEU A 107 2.67 -10.78 -1.87
CA LEU A 107 1.22 -10.91 -1.84
C LEU A 107 0.76 -11.70 -0.60
N SER A 108 -0.10 -11.08 0.19
CA SER A 108 -0.61 -11.71 1.41
C SER A 108 -2.11 -11.90 1.36
N VAL A 109 -2.57 -13.10 1.05
CA VAL A 109 -4.00 -13.36 0.99
C VAL A 109 -4.52 -13.85 2.33
N LYS A 110 -5.18 -12.94 3.05
CA LYS A 110 -5.76 -13.23 4.37
C LYS A 110 -6.86 -14.28 4.24
N PRO A 111 -6.75 -15.38 5.01
CA PRO A 111 -7.75 -16.44 4.95
C PRO A 111 -9.08 -16.02 5.59
N ASN A 112 -10.18 -16.51 5.03
CA ASN A 112 -11.50 -16.19 5.55
C ASN A 112 -11.89 -17.07 6.73
N ILE A 113 -11.78 -16.52 7.95
CA ILE A 113 -12.13 -17.26 9.16
C ILE A 113 -13.65 -17.20 9.44
N GLN A 114 -14.41 -18.15 8.89
CA GLN A 114 -15.86 -18.19 9.05
C GLN A 114 -16.44 -17.95 10.46
N ASN A 115 -16.01 -18.75 11.44
CA ASN A 115 -16.53 -18.63 12.79
C ASN A 115 -15.48 -18.43 13.88
N PRO A 116 -14.97 -17.20 14.02
CA PRO A 116 -13.94 -16.84 15.00
C PRO A 116 -14.25 -17.14 16.45
N ASP A 117 -13.27 -17.70 17.17
CA ASP A 117 -13.41 -18.01 18.58
C ASP A 117 -12.12 -17.71 19.36
N PRO A 118 -11.63 -16.47 19.29
CA PRO A 118 -10.41 -16.00 19.95
C PRO A 118 -10.23 -16.66 21.31
N ALA A 119 -9.04 -17.17 21.58
CA ALA A 119 -8.73 -17.83 22.83
C ALA A 119 -7.23 -18.11 22.93
N VAL A 120 -6.75 -18.25 24.15
CA VAL A 120 -5.35 -18.55 24.44
C VAL A 120 -5.37 -19.77 25.34
N TYR A 121 -4.80 -20.87 24.88
CA TYR A 121 -4.78 -22.09 25.67
C TYR A 121 -3.38 -22.41 26.14
N GLN A 122 -3.26 -23.06 27.30
CA GLN A 122 -1.95 -23.43 27.80
C GLN A 122 -1.76 -24.91 27.51
N LEU A 123 -0.73 -25.20 26.72
CA LEU A 123 -0.45 -26.57 26.35
C LEU A 123 0.36 -27.31 27.39
N ARG A 124 0.02 -28.57 27.55
CA ARG A 124 0.64 -29.47 28.50
C ARG A 124 2.16 -29.55 28.35
N ASP A 125 2.84 -29.46 29.49
CA ASP A 125 4.30 -29.56 29.50
C ASP A 125 4.65 -30.94 28.99
N SER A 126 5.92 -31.09 28.59
CA SER A 126 6.46 -32.36 28.13
C SER A 126 7.46 -32.82 29.18
N LYS A 127 7.39 -34.09 29.55
CA LYS A 127 8.30 -34.66 30.54
C LYS A 127 9.70 -34.31 30.09
N SER A 128 9.87 -34.27 28.77
CA SER A 128 11.13 -33.98 28.11
C SER A 128 11.59 -32.53 28.16
N SER A 129 10.65 -31.59 28.03
CA SER A 129 10.97 -30.16 28.05
C SER A 129 10.49 -29.46 29.32
N ASP A 130 11.12 -28.33 29.64
CA ASP A 130 10.79 -27.56 30.84
C ASP A 130 9.85 -26.41 30.50
N LYS A 131 9.88 -26.00 29.25
CA LYS A 131 9.06 -24.89 28.79
C LYS A 131 7.56 -25.06 28.97
N SER A 132 6.88 -23.94 28.81
CA SER A 132 5.43 -23.87 28.90
C SER A 132 5.07 -23.20 27.56
N VAL A 133 4.00 -23.65 26.93
CA VAL A 133 3.65 -23.03 25.65
C VAL A 133 2.21 -22.54 25.62
N CYS A 134 2.01 -21.30 25.20
CA CYS A 134 0.66 -20.75 25.12
C CYS A 134 0.26 -20.60 23.66
N LEU A 135 -0.92 -21.12 23.34
CA LEU A 135 -1.43 -21.06 21.97
C LEU A 135 -2.60 -20.08 21.84
N PHE A 136 -2.41 -19.05 21.03
CA PHE A 136 -3.42 -18.04 20.76
C PHE A 136 -4.03 -18.46 19.42
N THR A 137 -5.19 -19.07 19.46
CA THR A 137 -5.82 -19.56 18.24
C THR A 137 -7.23 -19.01 17.97
N ASP A 138 -7.79 -19.41 16.83
CA ASP A 138 -9.14 -19.05 16.38
C ASP A 138 -9.50 -17.58 16.17
N PHE A 139 -8.55 -16.67 16.32
CA PHE A 139 -8.83 -15.27 16.13
C PHE A 139 -9.02 -14.95 14.64
N ASP A 140 -9.68 -13.84 14.35
CA ASP A 140 -9.94 -13.44 12.97
C ASP A 140 -8.68 -12.87 12.31
N SER A 141 -8.65 -12.89 10.98
CA SER A 141 -7.48 -12.38 10.23
C SER A 141 -7.26 -10.87 10.38
N GLN A 142 -8.14 -10.20 11.12
CA GLN A 142 -8.01 -8.77 11.33
C GLN A 142 -7.02 -8.53 12.46
N THR A 143 -6.61 -9.63 13.12
CA THR A 143 -5.67 -9.53 14.22
C THR A 143 -4.23 -9.75 13.78
N ASN A 144 -3.34 -8.92 14.33
CA ASN A 144 -1.92 -8.95 14.07
C ASN A 144 -1.22 -9.23 15.41
N VAL A 145 -0.32 -10.21 15.44
CA VAL A 145 0.40 -10.55 16.67
C VAL A 145 1.74 -9.82 16.69
N SER A 146 2.17 -9.40 17.86
CA SER A 146 3.42 -8.66 17.93
C SER A 146 4.45 -9.34 18.80
N GLN A 147 5.72 -9.17 18.43
CA GLN A 147 6.82 -9.73 19.19
C GLN A 147 6.64 -9.32 20.65
N SER A 148 7.03 -10.19 21.56
CA SER A 148 6.90 -9.91 22.98
C SER A 148 7.88 -8.83 23.42
N LYS A 149 7.52 -8.14 24.51
CA LYS A 149 8.35 -7.09 25.05
C LYS A 149 9.55 -7.69 25.77
N ASP A 150 9.33 -8.72 26.60
CA ASP A 150 10.43 -9.36 27.31
C ASP A 150 11.36 -10.09 26.34
N SER A 151 12.66 -10.00 26.59
CA SER A 151 13.65 -10.62 25.72
C SER A 151 13.71 -12.14 25.78
N ASP A 152 13.16 -12.74 26.83
CA ASP A 152 13.17 -14.20 26.95
C ASP A 152 11.83 -14.94 26.95
N VAL A 153 10.94 -14.47 26.09
CA VAL A 153 9.61 -15.05 25.88
C VAL A 153 9.45 -14.95 24.35
N TYR A 154 9.40 -16.11 23.68
CA TYR A 154 9.32 -16.16 22.21
C TYR A 154 7.96 -16.23 21.58
N ILE A 155 7.78 -15.43 20.53
CA ILE A 155 6.51 -15.39 19.81
C ILE A 155 6.66 -15.53 18.30
N THR A 156 5.84 -16.41 17.72
CA THR A 156 5.85 -16.65 16.27
C THR A 156 4.63 -16.06 15.61
N ASP A 157 4.84 -15.30 14.54
CA ASP A 157 3.73 -14.67 13.82
C ASP A 157 2.62 -15.69 13.48
N LYS A 158 1.40 -15.19 13.35
CA LYS A 158 0.24 -16.00 13.04
C LYS A 158 0.39 -16.86 11.78
N CYS A 159 -0.20 -18.04 11.81
CA CYS A 159 -0.12 -19.01 10.72
C CYS A 159 -1.51 -19.58 10.46
N VAL A 160 -1.74 -20.08 9.25
CA VAL A 160 -3.02 -20.67 8.88
C VAL A 160 -2.98 -22.18 8.59
N LEU A 161 -3.81 -22.94 9.28
CA LEU A 161 -3.89 -24.38 9.08
C LEU A 161 -5.29 -24.74 8.59
N ASP A 162 -5.36 -25.69 7.66
CA ASP A 162 -6.64 -26.10 7.12
C ASP A 162 -6.93 -27.59 7.21
N MET A 163 -8.05 -27.93 7.84
CA MET A 163 -8.51 -29.31 7.97
C MET A 163 -9.52 -29.55 6.86
N ARG A 164 -9.04 -30.01 5.70
CA ARG A 164 -9.91 -30.26 4.55
C ARG A 164 -11.22 -30.98 4.88
N SER A 165 -11.13 -32.07 5.64
CA SER A 165 -12.31 -32.86 6.01
C SER A 165 -13.49 -32.07 6.61
N MET A 166 -13.19 -31.10 7.47
CA MET A 166 -14.24 -30.32 8.12
C MET A 166 -14.51 -28.95 7.52
N ASP A 167 -13.85 -28.63 6.41
CA ASP A 167 -14.02 -27.31 5.80
C ASP A 167 -13.70 -26.30 6.91
N PHE A 168 -12.52 -26.43 7.50
CA PHE A 168 -12.15 -25.54 8.59
C PHE A 168 -10.73 -25.01 8.45
N LYS A 169 -10.57 -23.71 8.70
CA LYS A 169 -9.28 -23.01 8.65
C LYS A 169 -9.18 -22.28 9.98
N SER A 170 -8.00 -22.27 10.57
CA SER A 170 -7.81 -21.57 11.83
C SER A 170 -6.46 -20.90 11.88
N ASN A 171 -6.41 -19.70 12.44
CA ASN A 171 -5.15 -18.98 12.56
C ASN A 171 -4.56 -19.32 13.93
N SER A 172 -3.30 -19.01 14.15
CA SER A 172 -2.65 -19.29 15.42
C SER A 172 -1.27 -18.68 15.54
N ALA A 173 -0.90 -18.39 16.78
CA ALA A 173 0.40 -17.84 17.09
C ALA A 173 0.85 -18.56 18.35
N VAL A 174 2.13 -18.85 18.46
CA VAL A 174 2.63 -19.53 19.65
C VAL A 174 3.51 -18.60 20.43
N ALA A 175 3.58 -18.85 21.73
CA ALA A 175 4.42 -18.09 22.62
C ALA A 175 4.95 -19.05 23.67
N TRP A 176 6.24 -18.99 23.95
CA TRP A 176 6.80 -19.87 24.96
C TRP A 176 7.90 -19.18 25.72
N SER A 177 8.28 -19.77 26.84
CA SER A 177 9.34 -19.24 27.70
C SER A 177 9.60 -20.23 28.82
N ASN A 178 10.78 -20.17 29.40
CA ASN A 178 11.15 -21.06 30.50
C ASN A 178 11.15 -20.29 31.81
N LYS A 179 10.84 -19.01 31.71
CA LYS A 179 10.76 -18.12 32.85
C LYS A 179 9.58 -18.56 33.71
N SER A 180 9.62 -18.23 35.00
CA SER A 180 8.52 -18.56 35.89
C SER A 180 7.53 -17.40 35.77
N ASP A 181 8.06 -16.22 35.43
CA ASP A 181 7.24 -15.02 35.24
C ASP A 181 6.05 -15.32 34.33
N PHE A 182 6.39 -16.00 33.24
CA PHE A 182 5.50 -16.42 32.17
C PHE A 182 4.21 -17.18 32.47
N ALA A 183 3.08 -16.54 32.13
CA ALA A 183 1.74 -17.08 32.29
C ALA A 183 0.99 -16.79 30.99
N CYS A 184 0.05 -17.65 30.61
CA CYS A 184 -0.66 -17.43 29.34
C CYS A 184 -1.50 -16.17 29.29
N ALA A 185 -1.79 -15.60 30.45
CA ALA A 185 -2.59 -14.39 30.50
C ALA A 185 -1.76 -13.14 30.17
N ASN A 186 -0.45 -13.17 30.37
CA ASN A 186 0.38 -12.01 30.06
C ASN A 186 1.16 -12.21 28.76
N ALA A 187 1.16 -13.45 28.28
CA ALA A 187 1.88 -13.85 27.07
C ALA A 187 1.69 -12.96 25.83
N PHE A 188 0.49 -12.49 25.59
CA PHE A 188 0.22 -11.67 24.42
C PHE A 188 -0.20 -10.23 24.69
N ASN A 189 0.22 -9.66 25.82
CA ASN A 189 -0.16 -8.30 26.14
C ASN A 189 0.28 -7.22 25.15
N ASN A 190 1.44 -7.39 24.52
CA ASN A 190 1.92 -6.37 23.59
C ASN A 190 1.26 -6.46 22.22
N SER A 191 0.08 -7.05 22.18
CA SER A 191 -0.67 -7.19 20.94
C SER A 191 -2.15 -6.83 21.07
N ILE A 192 -2.68 -6.13 20.06
CA ILE A 192 -4.09 -5.79 20.12
C ILE A 192 -4.95 -6.99 19.74
N ILE A 193 -5.33 -7.76 20.75
CA ILE A 193 -6.16 -8.95 20.55
C ILE A 193 -7.59 -8.53 20.78
N PRO A 194 -8.56 -9.24 20.17
CA PRO A 194 -9.96 -8.88 20.37
C PRO A 194 -10.23 -8.78 21.86
N GLU A 195 -11.21 -7.96 22.25
CA GLU A 195 -11.51 -7.83 23.67
C GLU A 195 -12.33 -9.04 24.11
N ASP A 196 -12.99 -9.66 23.13
CA ASP A 196 -13.82 -10.85 23.33
C ASP A 196 -12.95 -12.12 23.54
N THR A 197 -11.63 -11.94 23.58
CA THR A 197 -10.67 -13.04 23.74
C THR A 197 -10.79 -13.88 25.00
N PHE A 198 -11.05 -15.16 24.79
CA PHE A 198 -11.23 -16.15 25.84
C PHE A 198 -9.93 -16.59 26.53
N PHE A 199 -10.04 -16.86 27.83
CA PHE A 199 -8.94 -17.31 28.66
C PHE A 199 -9.60 -18.30 29.63
N PRO A 200 -9.37 -19.61 29.44
CA PRO A 200 -9.95 -20.66 30.29
C PRO A 200 -9.58 -20.62 31.77
N SER A 201 -10.50 -21.11 32.60
CA SER A 201 -10.33 -21.17 34.05
C SER A 201 -9.61 -19.94 34.58
N GLU B 2 10.22 -33.36 -15.16
CA GLU B 2 11.01 -33.01 -13.94
C GLU B 2 12.47 -32.64 -14.18
N ALA B 3 12.92 -32.48 -15.43
CA ALA B 3 14.32 -32.09 -15.61
C ALA B 3 14.41 -30.71 -14.98
N GLN B 4 15.57 -30.42 -14.39
CA GLN B 4 15.73 -29.15 -13.73
C GLN B 4 17.19 -28.91 -13.57
N VAL B 5 17.48 -27.78 -12.96
CA VAL B 5 18.83 -27.39 -12.71
C VAL B 5 19.22 -28.15 -11.43
N THR B 6 20.43 -28.68 -11.38
CA THR B 6 20.89 -29.42 -10.21
C THR B 6 21.99 -28.67 -9.46
N GLN B 7 21.75 -28.38 -8.18
CA GLN B 7 22.75 -27.69 -7.36
C GLN B 7 23.26 -28.64 -6.30
N ASN B 8 24.58 -28.75 -6.23
CA ASN B 8 25.22 -29.59 -5.24
C ASN B 8 26.37 -28.77 -4.66
N PRO B 9 26.44 -28.68 -3.32
CA PRO B 9 25.52 -29.30 -2.38
C PRO B 9 24.25 -28.47 -2.20
N ARG B 10 23.37 -28.92 -1.32
CA ARG B 10 22.12 -28.19 -1.09
C ARG B 10 22.27 -27.36 0.18
N TYR B 11 23.10 -27.82 1.09
CA TYR B 11 23.36 -27.15 2.35
C TYR B 11 24.84 -27.25 2.62
N LEU B 12 25.40 -26.25 3.28
CA LEU B 12 26.83 -26.25 3.60
C LEU B 12 27.26 -25.28 4.71
N ILE B 13 28.10 -25.75 5.62
CA ILE B 13 28.62 -24.92 6.71
C ILE B 13 30.13 -24.94 6.53
N THR B 14 30.77 -23.79 6.69
CA THR B 14 32.19 -23.71 6.51
C THR B 14 32.82 -22.63 7.38
N VAL B 15 34.13 -22.74 7.57
CA VAL B 15 34.85 -21.77 8.38
C VAL B 15 35.37 -20.71 7.43
N THR B 16 35.40 -19.46 7.87
CA THR B 16 35.92 -18.39 7.02
C THR B 16 37.27 -18.84 6.46
N GLY B 17 37.45 -18.70 5.16
CA GLY B 17 38.72 -19.09 4.57
C GLY B 17 38.66 -20.34 3.71
N LYS B 18 38.28 -21.47 4.28
CA LYS B 18 38.22 -22.72 3.52
C LYS B 18 37.44 -22.48 2.24
N LYS B 19 38.10 -22.63 1.10
CA LYS B 19 37.47 -22.41 -0.22
C LYS B 19 36.46 -23.49 -0.51
N LEU B 20 35.46 -23.15 -1.30
CA LEU B 20 34.41 -24.09 -1.65
C LEU B 20 33.86 -23.82 -3.03
N THR B 21 33.14 -24.79 -3.57
CA THR B 21 32.56 -24.67 -4.89
C THR B 21 31.19 -25.33 -4.95
N VAL B 22 30.19 -24.57 -5.36
CA VAL B 22 28.85 -25.10 -5.49
C VAL B 22 28.70 -25.32 -6.97
N THR B 23 28.49 -26.56 -7.39
CA THR B 23 28.32 -26.84 -8.80
C THR B 23 26.86 -26.67 -9.19
N CYS B 24 26.62 -26.58 -10.49
CA CYS B 24 25.27 -26.43 -11.02
C CYS B 24 25.22 -27.16 -12.34
N SER B 25 24.33 -28.13 -12.43
CA SER B 25 24.18 -28.89 -13.65
C SER B 25 22.82 -28.59 -14.23
N GLN B 26 22.70 -28.84 -15.53
CA GLN B 26 21.48 -28.63 -16.29
C GLN B 26 21.58 -29.49 -17.54
N ASN B 27 20.65 -30.41 -17.69
CA ASN B 27 20.64 -31.35 -18.81
C ASN B 27 19.66 -30.94 -19.91
N MET B 28 19.34 -29.66 -19.99
CA MET B 28 18.40 -29.20 -21.00
C MET B 28 19.03 -28.54 -22.23
N ASN B 29 20.35 -28.58 -22.30
CA ASN B 29 21.07 -27.99 -23.42
C ASN B 29 20.89 -26.48 -23.58
N HIS B 30 20.70 -25.78 -22.46
CA HIS B 30 20.51 -24.33 -22.47
C HIS B 30 21.90 -23.68 -22.52
N GLU B 31 22.01 -22.61 -23.31
CA GLU B 31 23.27 -21.90 -23.45
C GLU B 31 23.41 -20.83 -22.37
N TYR B 32 22.29 -20.47 -21.75
CA TYR B 32 22.31 -19.44 -20.72
C TYR B 32 22.24 -19.98 -19.30
N MET B 33 23.15 -19.52 -18.45
CA MET B 33 23.20 -19.94 -17.05
C MET B 33 23.71 -18.81 -16.13
N SER B 34 23.08 -18.61 -14.99
CA SER B 34 23.55 -17.57 -14.10
C SER B 34 23.32 -17.91 -12.64
N TRP B 35 24.14 -17.30 -11.77
CA TRP B 35 24.02 -17.50 -10.34
C TRP B 35 23.36 -16.30 -9.69
N TYR B 36 22.60 -16.54 -8.65
CA TYR B 36 21.93 -15.48 -7.93
C TYR B 36 22.06 -15.75 -6.46
N ARG B 37 22.14 -14.69 -5.67
CA ARG B 37 22.16 -14.85 -4.23
C ARG B 37 20.88 -14.13 -3.78
N GLN B 38 20.31 -14.57 -2.67
CA GLN B 38 19.12 -13.94 -2.17
C GLN B 38 19.20 -13.67 -0.69
N ASP B 39 18.97 -12.43 -0.29
CA ASP B 39 19.03 -12.12 1.12
C ASP B 39 17.78 -11.40 1.54
N PRO B 40 17.45 -11.45 2.84
CA PRO B 40 16.25 -10.77 3.32
C PRO B 40 16.40 -9.27 3.12
N GLY B 41 15.38 -8.65 2.51
CA GLY B 41 15.43 -7.22 2.29
C GLY B 41 16.20 -6.75 1.08
N LEU B 42 16.90 -7.64 0.39
CA LEU B 42 17.64 -7.27 -0.80
C LEU B 42 17.13 -8.00 -2.04
N GLY B 43 16.34 -9.05 -1.82
CA GLY B 43 15.78 -9.82 -2.92
C GLY B 43 16.79 -10.69 -3.65
N LEU B 44 16.59 -10.85 -4.95
CA LEU B 44 17.47 -11.67 -5.78
C LEU B 44 18.53 -10.79 -6.43
N ARG B 45 19.80 -11.14 -6.29
CA ARG B 45 20.85 -10.33 -6.91
C ARG B 45 21.76 -11.22 -7.74
N GLN B 46 21.93 -10.85 -8.99
CA GLN B 46 22.77 -11.63 -9.90
C GLN B 46 24.24 -11.53 -9.46
N ILE B 47 24.98 -12.61 -9.66
CA ILE B 47 26.40 -12.64 -9.27
C ILE B 47 27.28 -12.71 -10.53
N TYR B 48 26.97 -13.66 -11.40
CA TYR B 48 27.67 -13.87 -12.65
C TYR B 48 26.65 -14.50 -13.58
N TYR B 49 26.94 -14.50 -14.88
CA TYR B 49 26.04 -15.11 -15.84
C TYR B 49 26.85 -15.50 -17.05
N SER B 50 26.41 -16.56 -17.71
CA SER B 50 27.10 -17.09 -18.87
C SER B 50 26.11 -17.16 -20.01
N MET B 51 26.44 -16.56 -21.16
CA MET B 51 25.53 -16.60 -22.30
C MET B 51 25.77 -17.81 -23.18
N ASN B 52 26.93 -18.43 -23.03
CA ASN B 52 27.26 -19.62 -23.81
C ASN B 52 28.60 -20.17 -23.32
N VAL B 53 29.04 -21.29 -23.89
CA VAL B 53 30.30 -21.89 -23.47
C VAL B 53 31.47 -20.92 -23.58
N GLU B 54 32.31 -20.91 -22.55
CA GLU B 54 33.47 -20.06 -22.49
C GLU B 54 33.14 -18.57 -22.55
N VAL B 55 31.87 -18.23 -22.31
CA VAL B 55 31.46 -16.83 -22.30
C VAL B 55 31.04 -16.47 -20.86
N THR B 56 31.70 -15.47 -20.28
CA THR B 56 31.40 -15.08 -18.90
C THR B 56 31.40 -13.58 -18.69
N ASP B 57 30.45 -13.13 -17.87
CA ASP B 57 30.29 -11.72 -17.54
C ASP B 57 29.76 -11.54 -16.12
N LYS B 58 30.47 -10.74 -15.33
CA LYS B 58 30.09 -10.46 -13.93
C LYS B 58 28.82 -9.65 -13.77
N GLY B 59 27.91 -10.17 -12.94
CA GLY B 59 26.65 -9.49 -12.71
C GLY B 59 26.78 -8.40 -11.66
N ASP B 60 25.67 -7.98 -11.08
CA ASP B 60 25.64 -6.92 -10.08
C ASP B 60 26.59 -7.04 -8.87
N VAL B 61 26.52 -8.14 -8.14
CA VAL B 61 27.36 -8.34 -6.96
C VAL B 61 28.35 -9.51 -7.12
N PRO B 62 29.35 -9.35 -7.98
CA PRO B 62 30.37 -10.37 -8.26
C PRO B 62 31.62 -10.44 -7.38
N GLU B 63 31.90 -9.42 -6.60
CA GLU B 63 33.11 -9.51 -5.81
C GLU B 63 33.06 -10.70 -4.87
N GLY B 64 34.11 -11.50 -4.89
CA GLY B 64 34.19 -12.66 -4.02
C GLY B 64 33.87 -13.96 -4.70
N TYR B 65 33.25 -13.88 -5.88
CA TYR B 65 32.86 -15.07 -6.60
C TYR B 65 33.58 -15.20 -7.94
N LYS B 66 33.68 -16.43 -8.43
CA LYS B 66 34.30 -16.70 -9.72
C LYS B 66 33.53 -17.84 -10.35
N VAL B 67 33.46 -17.87 -11.67
CA VAL B 67 32.76 -18.94 -12.39
C VAL B 67 33.56 -19.37 -13.59
N SER B 68 33.11 -20.45 -14.22
CA SER B 68 33.78 -20.97 -15.40
C SER B 68 32.71 -21.66 -16.20
N ARG B 69 32.85 -21.67 -17.52
CA ARG B 69 31.84 -22.31 -18.35
C ARG B 69 32.52 -23.16 -19.42
N LYS B 70 33.32 -24.13 -18.99
CA LYS B 70 34.04 -25.00 -19.91
C LYS B 70 33.05 -25.87 -20.70
N GLU B 71 31.96 -26.25 -20.03
CA GLU B 71 30.94 -27.08 -20.66
C GLU B 71 29.58 -26.36 -20.65
N LYS B 72 28.73 -26.72 -21.58
CA LYS B 72 27.40 -26.13 -21.66
C LYS B 72 26.59 -26.54 -20.42
N ARG B 73 26.72 -27.79 -20.00
CA ARG B 73 26.00 -28.36 -18.85
C ARG B 73 26.29 -27.79 -17.46
N ASN B 74 27.54 -27.44 -17.18
CA ASN B 74 27.88 -26.92 -15.85
C ASN B 74 28.33 -25.47 -15.80
N PHE B 75 28.00 -24.82 -14.69
CA PHE B 75 28.35 -23.43 -14.45
C PHE B 75 28.55 -23.27 -12.94
N PRO B 76 29.69 -23.77 -12.41
CA PRO B 76 30.05 -23.72 -11.00
C PRO B 76 30.25 -22.34 -10.44
N LEU B 77 30.24 -22.26 -9.13
CA LEU B 77 30.45 -21.00 -8.44
C LEU B 77 31.58 -21.23 -7.43
N ILE B 78 32.67 -20.51 -7.63
CA ILE B 78 33.81 -20.65 -6.73
C ILE B 78 34.00 -19.46 -5.81
N LEU B 79 34.21 -19.74 -4.53
CA LEU B 79 34.47 -18.70 -3.55
C LEU B 79 35.85 -19.10 -3.02
N GLU B 80 36.87 -18.35 -3.46
CA GLU B 80 38.25 -18.63 -3.07
C GLU B 80 38.46 -18.51 -1.57
N SER B 81 38.10 -17.36 -1.02
CA SER B 81 38.23 -17.10 0.41
C SER B 81 36.90 -16.60 0.99
N PRO B 82 35.99 -17.55 1.29
CA PRO B 82 34.65 -17.33 1.85
C PRO B 82 34.64 -16.37 3.03
N SER B 83 33.58 -15.60 3.15
CA SER B 83 33.47 -14.64 4.25
C SER B 83 32.07 -14.65 4.84
N PRO B 84 31.93 -14.28 6.12
CA PRO B 84 30.62 -14.26 6.77
C PRO B 84 29.47 -13.64 5.96
N ASN B 85 29.76 -12.60 5.18
CA ASN B 85 28.70 -11.95 4.38
C ASN B 85 28.33 -12.73 3.11
N GLN B 86 29.02 -13.84 2.85
CA GLN B 86 28.69 -14.66 1.69
C GLN B 86 27.65 -15.70 2.17
N THR B 87 27.20 -15.51 3.40
CA THR B 87 26.18 -16.35 4.00
C THR B 87 24.92 -15.92 3.28
N SER B 88 24.24 -16.87 2.63
CA SER B 88 23.04 -16.52 1.86
C SER B 88 22.37 -17.75 1.25
N LEU B 89 21.32 -17.50 0.49
CA LEU B 89 20.58 -18.53 -0.22
C LEU B 89 20.96 -18.36 -1.70
N TYR B 90 21.67 -19.32 -2.27
CA TYR B 90 22.08 -19.21 -3.68
C TYR B 90 21.18 -19.99 -4.63
N PHE B 91 21.00 -19.45 -5.82
CA PHE B 91 20.18 -20.09 -6.84
C PHE B 91 20.92 -20.11 -8.16
N CYS B 92 20.71 -21.15 -8.94
CA CYS B 92 21.34 -21.26 -10.23
C CYS B 92 20.17 -21.35 -11.17
N ALA B 93 20.27 -20.70 -12.32
CA ALA B 93 19.18 -20.72 -13.28
C ALA B 93 19.67 -21.03 -14.67
N SER B 94 18.76 -21.58 -15.46
CA SER B 94 19.06 -21.92 -16.83
C SER B 94 17.93 -21.31 -17.64
N SER B 95 18.24 -20.93 -18.87
CA SER B 95 17.29 -20.30 -19.78
C SER B 95 17.56 -20.82 -21.18
N GLY B 96 16.50 -21.14 -21.93
CA GLY B 96 16.72 -21.65 -23.27
C GLY B 96 15.72 -21.13 -24.28
N ALA B 97 14.63 -21.86 -24.45
CA ALA B 97 13.57 -21.48 -25.37
C ALA B 97 13.01 -20.16 -24.88
N SER B 98 12.65 -19.28 -25.81
CA SER B 98 12.13 -17.97 -25.43
C SER B 98 13.21 -17.53 -24.44
N HIS B 99 12.81 -17.05 -23.27
CA HIS B 99 13.79 -16.62 -22.28
C HIS B 99 13.31 -16.88 -20.89
N GLU B 100 12.72 -18.06 -20.73
CA GLU B 100 12.19 -18.48 -19.44
C GLU B 100 13.24 -19.16 -18.56
N GLN B 101 13.30 -18.68 -17.32
CA GLN B 101 14.24 -19.17 -16.31
C GLN B 101 13.82 -20.46 -15.58
N TYR B 102 14.79 -21.37 -15.41
CA TYR B 102 14.59 -22.63 -14.69
C TYR B 102 15.54 -22.51 -13.51
N PHE B 103 15.01 -22.39 -12.31
CA PHE B 103 15.86 -22.26 -11.12
C PHE B 103 16.20 -23.57 -10.42
N GLY B 104 17.44 -23.73 -9.96
CA GLY B 104 17.81 -24.94 -9.24
C GLY B 104 17.05 -24.91 -7.91
N PRO B 105 17.09 -25.94 -7.08
CA PRO B 105 16.35 -25.89 -5.79
C PRO B 105 16.99 -24.95 -4.79
N GLY B 106 18.14 -24.39 -5.12
CA GLY B 106 18.80 -23.48 -4.21
C GLY B 106 19.78 -24.13 -3.24
N THR B 107 20.84 -23.40 -2.90
CA THR B 107 21.87 -23.83 -1.96
C THR B 107 21.90 -22.87 -0.75
N ARG B 108 21.88 -23.43 0.45
CA ARG B 108 21.90 -22.63 1.68
C ARG B 108 23.29 -22.70 2.29
N LEU B 109 24.07 -21.66 2.06
CA LEU B 109 25.44 -21.58 2.55
C LEU B 109 25.63 -20.63 3.73
N THR B 110 26.35 -21.12 4.73
CA THR B 110 26.62 -20.35 5.93
C THR B 110 28.12 -20.39 6.21
N VAL B 111 28.75 -19.21 6.22
CA VAL B 111 30.18 -19.09 6.50
C VAL B 111 30.29 -18.56 7.93
N THR B 112 30.77 -19.39 8.83
CA THR B 112 30.88 -18.98 10.23
C THR B 112 32.30 -18.85 10.73
N GLU B 113 32.50 -17.90 11.64
CA GLU B 113 33.82 -17.67 12.18
C GLU B 113 34.46 -18.92 12.79
N ASP B 114 33.63 -19.80 13.36
CA ASP B 114 34.11 -21.03 14.00
C ASP B 114 33.01 -22.11 14.02
N LEU B 115 33.38 -23.37 13.78
CA LEU B 115 32.38 -24.45 13.78
C LEU B 115 31.79 -24.74 15.15
N LYS B 116 32.34 -24.09 16.16
CA LYS B 116 31.89 -24.24 17.53
C LYS B 116 30.51 -23.58 17.71
N ASN B 117 30.03 -22.89 16.67
CA ASN B 117 28.75 -22.20 16.69
C ASN B 117 27.59 -23.10 16.24
N VAL B 118 27.92 -24.21 15.60
CA VAL B 118 26.91 -25.14 15.09
C VAL B 118 26.25 -26.03 16.14
N PHE B 119 24.93 -25.88 16.30
CA PHE B 119 24.13 -26.62 17.28
C PHE B 119 22.96 -27.34 16.61
N PRO B 120 22.63 -28.56 17.06
CA PRO B 120 21.49 -29.26 16.43
C PRO B 120 20.26 -28.80 17.18
N PRO B 121 19.08 -29.11 16.66
CA PRO B 121 17.88 -28.68 17.36
C PRO B 121 17.45 -29.62 18.46
N GLU B 122 16.68 -29.07 19.40
CA GLU B 122 16.09 -29.82 20.47
C GLU B 122 14.64 -29.73 20.05
N VAL B 123 13.95 -30.86 20.04
CA VAL B 123 12.56 -30.92 19.61
C VAL B 123 11.65 -31.38 20.75
N ALA B 124 10.53 -30.70 20.94
CA ALA B 124 9.61 -31.14 21.99
C ALA B 124 8.19 -31.00 21.46
N VAL B 125 7.29 -31.83 21.95
CA VAL B 125 5.92 -31.78 21.49
C VAL B 125 5.04 -31.48 22.68
N PHE B 126 4.13 -30.54 22.50
CA PHE B 126 3.23 -30.14 23.57
C PHE B 126 1.82 -30.58 23.23
N GLU B 127 1.25 -31.37 24.14
CA GLU B 127 -0.08 -31.93 24.00
C GLU B 127 -1.21 -30.91 24.08
N PRO B 128 -2.37 -31.25 23.49
CA PRO B 128 -3.56 -30.41 23.46
C PRO B 128 -4.09 -30.03 24.83
N SER B 129 -4.56 -28.80 24.95
CA SER B 129 -5.13 -28.27 26.19
C SER B 129 -6.50 -28.89 26.42
N GLU B 130 -6.81 -29.22 27.67
CA GLU B 130 -8.10 -29.80 27.97
C GLU B 130 -9.16 -28.74 27.72
N ALA B 131 -8.76 -27.48 27.89
CA ALA B 131 -9.66 -26.36 27.68
C ALA B 131 -10.04 -26.26 26.21
N GLU B 132 -9.07 -26.38 25.32
CA GLU B 132 -9.34 -26.29 23.90
C GLU B 132 -10.25 -27.40 23.41
N ILE B 133 -10.27 -28.53 24.11
CA ILE B 133 -11.08 -29.65 23.68
C ILE B 133 -12.57 -29.53 24.04
N SER B 134 -12.86 -28.98 25.23
CA SER B 134 -14.24 -28.83 25.66
C SER B 134 -14.89 -27.62 24.99
N HIS B 135 -14.07 -26.60 24.77
CA HIS B 135 -14.51 -25.37 24.15
C HIS B 135 -14.58 -25.47 22.63
N THR B 136 -13.62 -26.18 22.05
CA THR B 136 -13.55 -26.31 20.59
C THR B 136 -13.83 -27.70 19.99
N GLN B 137 -13.58 -28.75 20.75
CA GLN B 137 -13.76 -30.12 20.26
C GLN B 137 -12.72 -30.44 19.18
N LYS B 138 -11.58 -29.76 19.27
CA LYS B 138 -10.45 -29.93 18.36
C LYS B 138 -9.21 -29.88 19.23
N ALA B 139 -8.20 -30.66 18.86
CA ALA B 139 -6.97 -30.72 19.62
C ALA B 139 -5.78 -30.28 18.79
N THR B 140 -5.02 -29.34 19.34
CA THR B 140 -3.85 -28.82 18.65
C THR B 140 -2.55 -29.19 19.35
N LEU B 141 -1.64 -29.85 18.63
CA LEU B 141 -0.34 -30.17 19.20
C LEU B 141 0.61 -29.11 18.67
N VAL B 142 1.62 -28.76 19.46
CA VAL B 142 2.60 -27.78 19.05
C VAL B 142 4.00 -28.32 19.16
N CYS B 143 4.68 -28.38 18.03
CA CYS B 143 6.04 -28.87 18.01
C CYS B 143 7.00 -27.69 18.06
N LEU B 144 7.98 -27.76 18.94
CA LEU B 144 8.94 -26.69 19.06
C LEU B 144 10.36 -27.18 18.80
N ALA B 145 11.03 -26.56 17.82
CA ALA B 145 12.41 -26.91 17.46
C ALA B 145 13.25 -25.71 17.85
N THR B 146 14.12 -25.87 18.85
CA THR B 146 14.91 -24.71 19.28
C THR B 146 16.42 -24.91 19.42
N GLY B 147 17.11 -23.77 19.53
CA GLY B 147 18.55 -23.71 19.68
C GLY B 147 19.40 -24.28 18.57
N PHE B 148 18.91 -24.27 17.33
CA PHE B 148 19.73 -24.80 16.25
C PHE B 148 20.43 -23.73 15.42
N TYR B 149 21.60 -24.08 14.92
CA TYR B 149 22.38 -23.19 14.10
C TYR B 149 23.30 -23.99 13.21
N PRO B 150 23.34 -23.67 11.91
CA PRO B 150 22.59 -22.59 11.29
C PRO B 150 21.09 -22.86 11.20
N ASP B 151 20.38 -21.97 10.51
CA ASP B 151 18.93 -22.10 10.32
C ASP B 151 18.65 -23.02 9.15
N HIS B 152 19.08 -24.27 9.22
CA HIS B 152 18.85 -25.23 8.14
C HIS B 152 18.04 -26.44 8.59
N VAL B 153 16.72 -26.30 8.58
CA VAL B 153 15.85 -27.38 9.00
C VAL B 153 14.63 -27.67 8.12
N GLU B 154 14.14 -28.88 8.25
CA GLU B 154 12.97 -29.37 7.54
C GLU B 154 12.17 -30.03 8.66
N LEU B 155 10.91 -29.63 8.81
CA LEU B 155 10.05 -30.16 9.86
C LEU B 155 8.85 -30.87 9.24
N SER B 156 8.40 -31.93 9.84
CA SER B 156 7.25 -32.64 9.30
C SER B 156 6.57 -33.48 10.35
N TRP B 157 5.26 -33.64 10.21
CA TRP B 157 4.47 -34.44 11.14
C TRP B 157 4.20 -35.85 10.61
N TRP B 158 4.23 -36.81 11.53
CA TRP B 158 4.00 -38.20 11.19
C TRP B 158 3.03 -38.78 12.22
N VAL B 159 1.88 -39.25 11.75
CA VAL B 159 0.87 -39.83 12.62
C VAL B 159 0.72 -41.32 12.29
N ASN B 160 1.01 -42.18 13.25
CA ASN B 160 0.87 -43.61 13.04
C ASN B 160 1.77 -44.10 11.92
N GLY B 161 2.93 -43.46 11.78
CA GLY B 161 3.88 -43.90 10.77
C GLY B 161 3.74 -43.31 9.40
N LYS B 162 2.75 -42.45 9.20
CA LYS B 162 2.59 -41.85 7.88
C LYS B 162 2.60 -40.34 7.99
N GLU B 163 3.24 -39.71 7.01
CA GLU B 163 3.32 -38.27 7.01
C GLU B 163 1.95 -37.63 6.93
N VAL B 164 1.85 -36.43 7.46
CA VAL B 164 0.60 -35.71 7.50
C VAL B 164 0.78 -34.29 6.99
N HIS B 165 -0.27 -33.80 6.33
CA HIS B 165 -0.29 -32.46 5.78
C HIS B 165 -1.54 -31.73 6.24
N SER B 166 -2.66 -32.45 6.25
CA SER B 166 -3.91 -31.84 6.68
C SER B 166 -3.87 -31.38 8.14
N GLY B 167 -4.06 -30.09 8.35
CA GLY B 167 -4.07 -29.54 9.70
C GLY B 167 -2.74 -29.10 10.27
N VAL B 168 -1.71 -28.95 9.44
CA VAL B 168 -0.41 -28.52 9.95
C VAL B 168 -0.01 -27.16 9.41
N CYS B 169 0.69 -26.40 10.24
CA CYS B 169 1.14 -25.07 9.87
C CYS B 169 2.47 -24.89 10.53
N THR B 170 3.52 -24.75 9.72
CA THR B 170 4.87 -24.55 10.21
C THR B 170 5.29 -23.12 9.86
N ASP B 171 6.07 -22.49 10.71
CA ASP B 171 6.47 -21.13 10.40
C ASP B 171 7.19 -21.14 9.07
N PRO B 172 6.91 -20.16 8.20
CA PRO B 172 7.54 -20.04 6.88
C PRO B 172 9.06 -19.89 6.98
N GLN B 173 9.54 -19.30 8.08
CA GLN B 173 10.96 -19.11 8.29
C GLN B 173 11.28 -19.16 9.78
N PRO B 174 12.52 -19.58 10.14
CA PRO B 174 12.94 -19.65 11.54
C PRO B 174 12.96 -18.31 12.27
N LEU B 175 13.00 -18.37 13.59
CA LEU B 175 13.04 -17.19 14.42
C LEU B 175 14.46 -17.08 14.97
N LYS B 176 14.99 -15.87 15.01
CA LYS B 176 16.32 -15.65 15.53
C LYS B 176 16.08 -15.45 17.02
N GLU B 177 16.54 -16.40 17.84
CA GLU B 177 16.35 -16.33 19.28
C GLU B 177 16.98 -15.09 19.91
N GLN B 178 18.06 -14.62 19.29
CA GLN B 178 18.81 -13.43 19.73
C GLN B 178 19.00 -12.53 18.54
N PRO B 179 17.94 -11.85 18.12
CA PRO B 179 18.03 -10.96 16.97
C PRO B 179 19.28 -10.10 16.90
N ALA B 180 19.70 -9.55 18.04
CA ALA B 180 20.88 -8.70 18.08
C ALA B 180 22.20 -9.43 17.86
N LEU B 181 22.22 -10.77 17.93
CA LEU B 181 23.48 -11.48 17.70
C LEU B 181 23.67 -11.97 16.29
N ASN B 182 24.89 -11.81 15.83
CA ASN B 182 25.25 -12.22 14.48
C ASN B 182 25.24 -13.74 14.38
N ASP B 183 25.55 -14.42 15.49
CA ASP B 183 25.58 -15.90 15.52
C ASP B 183 24.44 -16.56 16.30
N SER B 184 23.35 -15.83 16.50
CA SER B 184 22.20 -16.34 17.20
C SER B 184 21.67 -17.68 16.70
N ARG B 185 21.14 -18.44 17.63
CA ARG B 185 20.55 -19.72 17.33
C ARG B 185 19.09 -19.48 16.93
N TYR B 186 18.48 -20.49 16.31
CA TYR B 186 17.12 -20.36 15.81
C TYR B 186 16.06 -21.29 16.41
N ALA B 187 14.80 -20.89 16.22
CA ALA B 187 13.66 -21.67 16.66
C ALA B 187 12.63 -21.76 15.53
N LEU B 188 11.85 -22.83 15.56
CA LEU B 188 10.83 -23.06 14.56
C LEU B 188 9.70 -23.79 15.24
N SER B 189 8.45 -23.45 14.88
CA SER B 189 7.32 -24.16 15.47
C SER B 189 6.34 -24.59 14.40
N SER B 190 5.60 -25.65 14.69
CA SER B 190 4.63 -26.16 13.76
C SER B 190 3.40 -26.59 14.53
N ARG B 191 2.27 -26.61 13.85
CA ARG B 191 1.03 -26.98 14.51
C ARG B 191 0.39 -28.14 13.85
N LEU B 192 -0.20 -29.01 14.65
CA LEU B 192 -0.93 -30.15 14.14
C LEU B 192 -2.27 -30.15 14.88
N ARG B 193 -3.36 -29.90 14.15
CA ARG B 193 -4.68 -29.89 14.78
C ARG B 193 -5.54 -31.03 14.23
N VAL B 194 -6.18 -31.75 15.15
CA VAL B 194 -7.04 -32.86 14.76
C VAL B 194 -8.29 -32.81 15.61
N SER B 195 -9.31 -33.57 15.22
CA SER B 195 -10.55 -33.57 15.96
C SER B 195 -10.26 -34.10 17.37
N ALA B 196 -11.08 -33.68 18.35
CA ALA B 196 -10.91 -34.12 19.72
C ALA B 196 -11.09 -35.64 19.83
N THR B 197 -11.89 -36.21 18.94
CA THR B 197 -12.10 -37.64 18.96
C THR B 197 -10.80 -38.38 18.68
N PHE B 198 -10.09 -37.93 17.65
CA PHE B 198 -8.83 -38.54 17.23
C PHE B 198 -7.79 -38.50 18.35
N TRP B 199 -7.72 -37.35 19.00
CA TRP B 199 -6.77 -37.15 20.07
C TRP B 199 -7.00 -38.02 21.28
N GLN B 200 -8.26 -38.34 21.56
CA GLN B 200 -8.59 -39.15 22.75
C GLN B 200 -8.33 -40.63 22.63
N ASN B 201 -8.08 -41.10 21.41
CA ASN B 201 -7.77 -42.50 21.16
C ASN B 201 -6.31 -42.66 21.59
N PRO B 202 -6.05 -43.46 22.65
CA PRO B 202 -4.70 -43.70 23.16
C PRO B 202 -3.85 -44.53 22.20
N ARG B 203 -4.47 -45.02 21.14
CA ARG B 203 -3.73 -45.82 20.19
C ARG B 203 -3.07 -44.95 19.11
N ASN B 204 -3.43 -43.67 19.07
CA ASN B 204 -2.84 -42.77 18.09
C ASN B 204 -1.46 -42.24 18.49
N HIS B 205 -0.53 -42.28 17.52
CA HIS B 205 0.86 -41.89 17.73
C HIS B 205 1.27 -40.68 16.88
N PHE B 206 1.55 -39.55 17.55
CA PHE B 206 1.97 -38.30 16.92
C PHE B 206 3.47 -38.08 17.12
N ARG B 207 4.20 -37.90 16.03
CA ARG B 207 5.64 -37.72 16.07
C ARG B 207 6.02 -36.51 15.24
N CYS B 208 6.89 -35.67 15.77
CA CYS B 208 7.33 -34.48 15.07
C CYS B 208 8.73 -34.78 14.54
N GLN B 209 8.99 -34.54 13.26
CA GLN B 209 10.31 -34.85 12.70
C GLN B 209 11.12 -33.65 12.20
N VAL B 210 12.27 -33.39 12.82
CA VAL B 210 13.09 -32.26 12.38
C VAL B 210 14.50 -32.63 11.87
N GLN B 211 14.70 -32.42 10.56
CA GLN B 211 15.96 -32.69 9.89
C GLN B 211 16.87 -31.48 9.95
N PHE B 212 18.04 -31.70 10.51
CA PHE B 212 19.04 -30.67 10.66
C PHE B 212 20.19 -30.94 9.68
N TYR B 213 20.71 -29.86 9.09
CA TYR B 213 21.81 -29.95 8.17
C TYR B 213 22.95 -29.29 8.90
N GLY B 214 23.88 -30.10 9.38
CA GLY B 214 25.02 -29.58 10.10
C GLY B 214 26.30 -30.05 9.47
N LEU B 215 27.28 -30.31 10.31
CA LEU B 215 28.60 -30.77 9.87
C LEU B 215 28.55 -32.13 9.18
N SER B 216 29.58 -32.41 8.40
CA SER B 216 29.66 -33.69 7.70
C SER B 216 30.51 -34.52 8.63
N GLU B 217 30.55 -35.84 8.43
CA GLU B 217 31.35 -36.70 9.29
C GLU B 217 32.85 -36.48 9.04
N ASN B 218 33.17 -35.56 8.14
CA ASN B 218 34.55 -35.22 7.80
C ASN B 218 35.12 -34.15 8.74
N ASP B 219 34.30 -33.15 9.04
CA ASP B 219 34.70 -32.04 9.90
C ASP B 219 35.32 -32.46 11.23
N GLU B 220 36.35 -31.73 11.63
CA GLU B 220 37.05 -32.01 12.88
C GLU B 220 36.15 -31.56 14.01
N TRP B 221 36.43 -32.01 15.23
CA TRP B 221 35.61 -31.64 16.37
C TRP B 221 36.34 -31.95 17.69
N THR B 222 36.65 -30.88 18.42
CA THR B 222 37.39 -30.98 19.66
C THR B 222 36.56 -30.77 20.92
N GLN B 223 35.36 -30.23 20.77
CA GLN B 223 34.48 -29.97 21.91
C GLN B 223 34.02 -31.24 22.61
N ASP B 224 33.40 -31.07 23.78
CA ASP B 224 32.90 -32.21 24.55
C ASP B 224 31.54 -32.67 24.05
N ARG B 225 30.64 -31.72 23.88
CA ARG B 225 29.30 -32.06 23.42
C ARG B 225 29.37 -32.81 22.11
N ALA B 226 28.31 -33.55 21.81
CA ALA B 226 28.25 -34.33 20.59
C ALA B 226 28.44 -33.51 19.32
N LYS B 227 29.24 -34.03 18.41
CA LYS B 227 29.50 -33.37 17.14
C LYS B 227 28.16 -33.01 16.45
N PRO B 228 27.93 -31.72 16.15
CA PRO B 228 26.68 -31.28 15.49
C PRO B 228 26.61 -31.65 14.01
N VAL B 229 26.39 -32.93 13.76
CA VAL B 229 26.31 -33.46 12.40
C VAL B 229 24.91 -33.37 11.82
N THR B 230 24.82 -33.55 10.51
CA THR B 230 23.54 -33.55 9.80
C THR B 230 22.79 -34.72 10.43
N GLN B 231 21.57 -34.50 10.90
CA GLN B 231 20.84 -35.59 11.56
C GLN B 231 19.35 -35.25 11.72
N ILE B 232 18.56 -36.27 12.06
CA ILE B 232 17.14 -36.09 12.28
C ILE B 232 16.77 -36.25 13.76
N VAL B 233 16.07 -35.27 14.31
CA VAL B 233 15.64 -35.30 15.69
C VAL B 233 14.10 -35.34 15.77
N SER B 234 13.56 -36.20 16.62
CA SER B 234 12.10 -36.29 16.74
C SER B 234 11.61 -36.14 18.14
N ALA B 235 10.29 -36.13 18.29
CA ALA B 235 9.63 -35.99 19.59
C ALA B 235 8.18 -36.45 19.40
N GLU B 236 7.64 -37.22 20.33
CA GLU B 236 6.27 -37.71 20.14
C GLU B 236 5.33 -37.54 21.32
N ALA B 237 4.10 -38.00 21.10
CA ALA B 237 3.04 -37.96 22.09
C ALA B 237 2.03 -38.97 21.62
N TRP B 238 1.34 -39.57 22.58
CA TRP B 238 0.31 -40.55 22.27
C TRP B 238 -1.02 -39.98 22.73
N GLY B 239 -2.11 -40.45 22.12
CA GLY B 239 -3.43 -39.97 22.46
C GLY B 239 -3.72 -40.21 23.92
N ARG B 240 -4.52 -39.34 24.53
CA ARG B 240 -4.86 -39.47 25.95
C ARG B 240 -6.38 -39.54 26.09
N ALA B 241 -6.87 -40.63 26.69
CA ALA B 241 -8.30 -40.84 26.88
C ALA B 241 -8.91 -39.72 27.73
N ASP B 242 -10.17 -39.38 27.46
CA ASP B 242 -10.82 -38.33 28.20
C ASP B 242 -10.93 -38.64 29.69
N LYS C 3 -14.55 6.88 12.57
CA LYS C 3 -13.40 6.43 13.39
C LYS C 3 -12.74 5.20 12.72
N GLU C 4 -13.36 4.04 12.82
CA GLU C 4 -12.82 2.80 12.20
C GLU C 4 -11.37 2.50 12.58
N VAL C 5 -10.65 1.86 11.67
CA VAL C 5 -9.24 1.49 11.90
C VAL C 5 -8.67 0.72 10.70
N GLU C 6 -7.34 0.66 10.57
CA GLU C 6 -6.64 -0.03 9.46
C GLU C 6 -7.28 0.00 8.06
N GLN C 7 -7.80 1.17 7.68
CA GLN C 7 -8.47 1.37 6.38
C GLN C 7 -7.87 0.67 5.16
N ASN C 8 -6.66 1.10 4.78
CA ASN C 8 -5.89 0.57 3.64
C ASN C 8 -4.41 0.91 3.88
N SER C 9 -3.51 0.43 3.01
CA SER C 9 -2.08 0.73 3.17
C SER C 9 -1.67 2.04 2.49
N GLY C 10 -2.38 3.13 2.84
CA GLY C 10 -2.10 4.45 2.28
C GLY C 10 -2.89 4.77 1.03
N PRO C 11 -2.61 5.90 0.36
CA PRO C 11 -3.33 6.27 -0.86
C PRO C 11 -2.94 5.32 -1.99
N LEU C 12 -3.87 4.47 -2.39
CA LEU C 12 -3.69 3.49 -3.45
C LEU C 12 -3.23 4.06 -4.79
N SER C 13 -2.04 3.67 -5.23
CA SER C 13 -1.52 4.15 -6.51
C SER C 13 -1.74 3.16 -7.66
N VAL C 14 -2.05 3.70 -8.82
CA VAL C 14 -2.31 2.91 -10.02
C VAL C 14 -1.80 3.59 -11.28
N PRO C 15 -1.19 2.81 -12.20
CA PRO C 15 -0.70 3.44 -13.42
C PRO C 15 -1.86 3.71 -14.35
N GLU C 16 -1.71 4.70 -15.21
CA GLU C 16 -2.76 5.03 -16.16
C GLU C 16 -2.98 3.87 -17.10
N GLY C 17 -4.21 3.38 -17.16
CA GLY C 17 -4.52 2.28 -18.06
C GLY C 17 -4.75 0.95 -17.38
N ALA C 18 -4.19 0.79 -16.20
CA ALA C 18 -4.34 -0.46 -15.46
C ALA C 18 -5.59 -0.49 -14.59
N ILE C 19 -5.94 -1.71 -14.16
CA ILE C 19 -7.09 -1.94 -13.30
C ILE C 19 -6.77 -1.50 -11.88
N ALA C 20 -7.79 -1.01 -11.19
CA ALA C 20 -7.67 -0.56 -9.80
C ALA C 20 -8.63 -1.41 -8.97
N SER C 21 -8.12 -2.02 -7.91
CA SER C 21 -8.94 -2.89 -7.08
C SER C 21 -9.07 -2.44 -5.64
N LEU C 22 -10.30 -2.24 -5.19
CA LEU C 22 -10.60 -1.83 -3.82
C LEU C 22 -11.35 -2.93 -3.11
N ASN C 23 -10.81 -3.42 -2.01
CA ASN C 23 -11.46 -4.48 -1.23
C ASN C 23 -11.69 -4.00 0.21
N CYS C 24 -12.95 -3.84 0.59
CA CYS C 24 -13.25 -3.37 1.94
C CYS C 24 -14.08 -4.38 2.73
N THR C 25 -13.50 -4.91 3.80
CA THR C 25 -14.19 -5.88 4.64
C THR C 25 -15.03 -5.11 5.66
N TYR C 26 -16.31 -5.47 5.81
CA TYR C 26 -17.19 -4.79 6.77
C TYR C 26 -17.51 -5.64 8.00
N SER C 27 -18.23 -5.06 8.96
CA SER C 27 -18.55 -5.77 10.20
C SER C 27 -19.98 -6.27 10.45
N ASP C 28 -20.96 -5.37 10.47
CA ASP C 28 -22.34 -5.76 10.73
C ASP C 28 -22.94 -6.73 9.71
N ARG C 29 -23.21 -7.95 10.15
CA ARG C 29 -23.77 -8.98 9.28
C ARG C 29 -25.19 -8.64 8.84
N GLY C 30 -25.83 -7.75 9.60
CA GLY C 30 -27.19 -7.35 9.28
C GLY C 30 -27.26 -6.50 8.03
N SER C 31 -26.09 -6.11 7.50
CA SER C 31 -26.04 -5.29 6.29
C SER C 31 -26.29 -6.17 5.08
N GLN C 32 -27.08 -5.66 4.13
CA GLN C 32 -27.39 -6.44 2.94
C GLN C 32 -27.51 -5.62 1.65
N SER C 33 -27.14 -4.34 1.72
CA SER C 33 -27.19 -3.45 0.56
C SER C 33 -26.01 -2.50 0.60
N PHE C 34 -25.29 -2.38 -0.51
CA PHE C 34 -24.11 -1.52 -0.60
C PHE C 34 -24.05 -0.53 -1.77
N PHE C 35 -23.53 0.65 -1.50
CA PHE C 35 -23.42 1.70 -2.51
C PHE C 35 -22.03 2.28 -2.53
N TRP C 36 -21.51 2.55 -3.73
CA TRP C 36 -20.20 3.17 -3.85
C TRP C 36 -20.41 4.64 -4.18
N TYR C 37 -19.53 5.49 -3.63
CA TYR C 37 -19.61 6.94 -3.81
C TYR C 37 -18.25 7.50 -4.18
N ARG C 38 -18.20 8.39 -5.16
CA ARG C 38 -16.93 8.98 -5.57
C ARG C 38 -16.90 10.44 -5.11
N GLN C 39 -15.78 10.88 -4.61
CA GLN C 39 -15.67 12.20 -4.14
C GLN C 39 -14.41 12.88 -4.58
N TYR C 40 -14.53 13.91 -5.38
CA TYR C 40 -13.40 14.69 -5.76
C TYR C 40 -13.13 15.66 -4.67
N SER C 41 -11.99 16.26 -4.62
CA SER C 41 -11.53 16.89 -3.43
C SER C 41 -12.27 18.05 -2.72
N GLY C 42 -12.81 19.02 -3.39
CA GLY C 42 -13.57 19.96 -2.62
C GLY C 42 -15.02 19.70 -2.81
N LYS C 43 -15.31 18.67 -3.54
CA LYS C 43 -16.62 18.37 -4.02
C LYS C 43 -17.40 17.44 -3.18
N SER C 44 -18.58 17.13 -3.63
CA SER C 44 -19.48 16.35 -2.84
C SER C 44 -19.54 14.92 -3.28
N PRO C 45 -19.76 14.02 -2.36
CA PRO C 45 -19.81 12.60 -2.71
C PRO C 45 -20.94 12.36 -3.69
N GLU C 46 -20.72 11.43 -4.62
CA GLU C 46 -21.72 11.11 -5.62
C GLU C 46 -21.76 9.60 -5.92
N LEU C 47 -22.97 9.06 -5.82
CA LEU C 47 -23.20 7.64 -6.07
C LEU C 47 -22.68 7.25 -7.44
N ILE C 48 -22.03 6.10 -7.54
CA ILE C 48 -21.50 5.60 -8.80
C ILE C 48 -21.86 4.14 -9.02
N MET C 49 -22.24 3.45 -7.94
CA MET C 49 -22.58 2.03 -8.02
C MET C 49 -23.46 1.47 -6.89
N SER C 50 -24.36 0.56 -7.26
CA SER C 50 -25.27 -0.08 -6.31
C SER C 50 -25.28 -1.59 -6.49
N ILE C 51 -25.05 -2.31 -5.39
CA ILE C 51 -25.04 -3.76 -5.39
C ILE C 51 -26.08 -4.23 -4.36
N TYR C 52 -26.90 -5.22 -4.73
CA TYR C 52 -27.93 -5.71 -3.81
C TYR C 52 -27.79 -7.16 -3.41
N SER C 53 -27.51 -8.02 -4.39
CA SER C 53 -27.36 -9.44 -4.12
C SER C 53 -25.90 -9.86 -4.09
N ASN C 54 -25.61 -10.95 -3.38
CA ASN C 54 -24.26 -11.47 -3.27
C ASN C 54 -23.75 -11.83 -4.67
N GLY C 55 -22.83 -11.03 -5.22
CA GLY C 55 -22.32 -11.33 -6.54
C GLY C 55 -21.56 -10.20 -7.21
N ASP C 56 -21.82 -10.00 -8.51
CA ASP C 56 -21.16 -8.94 -9.29
C ASP C 56 -22.14 -8.04 -10.05
N LYS C 57 -21.73 -6.79 -10.25
CA LYS C 57 -22.53 -5.79 -10.97
C LYS C 57 -21.55 -5.02 -11.84
N GLU C 58 -21.96 -4.66 -13.05
CA GLU C 58 -21.09 -3.93 -13.95
C GLU C 58 -21.73 -2.61 -14.43
N ASP C 59 -20.88 -1.69 -14.87
CA ASP C 59 -21.32 -0.38 -15.39
C ASP C 59 -20.12 0.29 -16.07
N GLY C 60 -19.92 -0.05 -17.34
CA GLY C 60 -18.82 0.53 -18.06
C GLY C 60 -17.52 0.02 -17.50
N ARG C 61 -16.63 0.94 -17.15
CA ARG C 61 -15.32 0.59 -16.60
C ARG C 61 -15.38 0.18 -15.12
N PHE C 62 -16.57 0.26 -14.52
CA PHE C 62 -16.72 -0.12 -13.12
C PHE C 62 -17.33 -1.50 -12.91
N THR C 63 -16.97 -2.09 -11.79
CA THR C 63 -17.49 -3.39 -11.37
C THR C 63 -17.47 -3.44 -9.84
N ALA C 64 -18.64 -3.71 -9.25
CA ALA C 64 -18.76 -3.75 -7.82
C ALA C 64 -19.05 -5.17 -7.35
N GLN C 65 -18.24 -5.65 -6.42
CA GLN C 65 -18.42 -6.99 -5.89
C GLN C 65 -18.83 -7.02 -4.41
N LEU C 66 -19.74 -7.94 -4.10
CA LEU C 66 -20.24 -8.11 -2.75
C LEU C 66 -20.14 -9.58 -2.34
N ASN C 67 -19.48 -9.84 -1.23
CA ASN C 67 -19.34 -11.20 -0.74
C ASN C 67 -19.76 -11.16 0.73
N LYS C 68 -21.00 -11.59 0.98
CA LYS C 68 -21.54 -11.60 2.33
C LYS C 68 -20.93 -12.74 3.12
N ALA C 69 -20.52 -13.79 2.41
CA ALA C 69 -19.89 -14.95 3.06
C ALA C 69 -18.65 -14.46 3.80
N SER C 70 -17.77 -13.81 3.06
CA SER C 70 -16.54 -13.29 3.61
C SER C 70 -16.74 -11.93 4.28
N GLN C 71 -17.76 -11.17 3.82
CA GLN C 71 -18.08 -9.86 4.35
C GLN C 71 -17.14 -8.75 3.86
N TYR C 72 -16.98 -8.66 2.54
CA TYR C 72 -16.15 -7.63 1.93
C TYR C 72 -16.82 -7.06 0.69
N VAL C 73 -16.81 -5.73 0.60
CA VAL C 73 -17.37 -5.02 -0.55
C VAL C 73 -16.17 -4.60 -1.36
N SER C 74 -16.29 -4.66 -2.67
CA SER C 74 -15.18 -4.22 -3.49
C SER C 74 -15.63 -3.48 -4.74
N LEU C 75 -14.69 -2.76 -5.32
CA LEU C 75 -14.96 -1.98 -6.51
C LEU C 75 -13.77 -2.10 -7.42
N LEU C 76 -14.03 -2.46 -8.68
CA LEU C 76 -12.99 -2.57 -9.69
C LEU C 76 -13.19 -1.49 -10.75
N ILE C 77 -12.12 -0.80 -11.10
CA ILE C 77 -12.19 0.23 -12.13
C ILE C 77 -11.22 -0.19 -13.22
N ARG C 78 -11.76 -0.58 -14.37
CA ARG C 78 -10.92 -0.99 -15.49
C ARG C 78 -10.49 0.21 -16.31
N ASP C 79 -9.28 0.14 -16.87
CA ASP C 79 -8.79 1.20 -17.72
C ASP C 79 -8.68 2.56 -17.00
N SER C 80 -8.08 2.57 -15.82
CA SER C 80 -7.94 3.79 -15.04
C SER C 80 -7.48 5.03 -15.78
N GLN C 81 -8.10 6.17 -15.48
CA GLN C 81 -7.74 7.46 -16.07
C GLN C 81 -7.34 8.38 -14.92
N PRO C 82 -6.38 9.30 -15.14
CA PRO C 82 -5.96 10.19 -14.05
C PRO C 82 -7.15 10.95 -13.45
N SER C 83 -8.22 11.09 -14.24
CA SER C 83 -9.42 11.78 -13.76
C SER C 83 -10.18 10.91 -12.78
N ASP C 84 -9.75 9.66 -12.62
CA ASP C 84 -10.40 8.78 -11.66
C ASP C 84 -9.87 9.06 -10.27
N SER C 85 -8.79 9.83 -10.20
CA SER C 85 -8.20 10.18 -8.91
C SER C 85 -9.26 10.87 -8.06
N ALA C 86 -9.64 10.24 -6.96
CA ALA C 86 -10.66 10.77 -6.07
C ALA C 86 -10.61 9.91 -4.83
N THR C 87 -11.53 10.17 -3.90
CA THR C 87 -11.59 9.38 -2.70
C THR C 87 -12.85 8.54 -2.88
N TYR C 88 -12.69 7.23 -2.86
CA TYR C 88 -13.81 6.31 -3.00
C TYR C 88 -14.19 5.75 -1.63
N LEU C 89 -15.49 5.66 -1.38
CA LEU C 89 -16.00 5.15 -0.11
C LEU C 89 -17.36 4.48 -0.31
N TRP C 90 -17.53 3.31 0.31
CA TRP C 90 -18.78 2.56 0.19
C TRP C 90 -19.71 2.98 1.31
N GLY C 91 -20.95 2.54 1.19
CA GLY C 91 -21.97 2.86 2.17
C GLY C 91 -22.97 1.74 2.21
N THR C 92 -23.72 1.67 3.30
CA THR C 92 -24.71 0.62 3.50
C THR C 92 -25.80 1.10 4.45
N TYR C 93 -26.94 0.41 4.37
CA TYR C 93 -28.07 0.68 5.23
C TYR C 93 -28.13 -0.59 6.08
N ASN C 94 -27.89 -0.47 7.38
CA ASN C 94 -27.94 -1.65 8.23
C ASN C 94 -29.35 -1.82 8.77
N GLN C 95 -29.63 -2.95 9.40
CA GLN C 95 -30.95 -3.20 9.95
C GLN C 95 -31.32 -2.23 11.07
N GLY C 96 -30.38 -1.35 11.40
CA GLY C 96 -30.62 -0.37 12.45
C GLY C 96 -31.27 0.92 11.97
N GLY C 97 -31.49 1.03 10.66
CA GLY C 97 -32.11 2.22 10.13
C GLY C 97 -31.15 3.36 9.79
N LYS C 98 -29.96 3.26 10.35
CA LYS C 98 -28.90 4.25 10.22
C LYS C 98 -27.92 3.97 9.07
N LEU C 99 -27.64 4.95 8.21
CA LEU C 99 -26.75 4.68 7.09
C LEU C 99 -25.32 4.80 7.60
N ILE C 100 -24.44 3.95 7.10
CA ILE C 100 -23.05 3.99 7.53
C ILE C 100 -22.10 4.14 6.37
N PHE C 101 -21.00 4.82 6.65
CA PHE C 101 -19.95 5.05 5.66
C PHE C 101 -18.64 4.51 6.19
N GLY C 102 -18.16 3.45 5.55
CA GLY C 102 -16.92 2.84 5.98
C GLY C 102 -15.70 3.57 5.47
N GLN C 103 -14.53 3.13 5.90
CA GLN C 103 -13.27 3.71 5.49
C GLN C 103 -13.34 4.17 4.02
N GLY C 104 -12.74 5.32 3.74
CA GLY C 104 -12.74 5.85 2.40
C GLY C 104 -11.33 5.84 1.84
N THR C 105 -11.14 5.11 0.75
CA THR C 105 -9.82 4.99 0.14
C THR C 105 -9.52 6.09 -0.87
N GLU C 106 -8.26 6.53 -0.87
CA GLU C 106 -7.82 7.55 -1.80
C GLU C 106 -7.19 6.83 -2.97
N LEU C 107 -7.69 7.08 -4.18
CA LEU C 107 -7.16 6.46 -5.38
C LEU C 107 -6.40 7.49 -6.21
N SER C 108 -5.16 7.18 -6.56
CA SER C 108 -4.37 8.10 -7.37
C SER C 108 -3.91 7.41 -8.66
N VAL C 109 -4.35 7.94 -9.80
CA VAL C 109 -3.97 7.37 -11.07
C VAL C 109 -2.86 8.15 -11.71
N LYS C 110 -1.63 7.67 -11.56
CA LYS C 110 -0.48 8.35 -12.15
C LYS C 110 -0.64 8.44 -13.67
N PRO C 111 -0.51 9.66 -14.22
CA PRO C 111 -0.65 9.78 -15.68
C PRO C 111 0.58 9.19 -16.35
N ASN C 112 0.41 8.77 -17.59
CA ASN C 112 1.52 8.20 -18.35
C ASN C 112 2.18 9.30 -19.18
N ILE C 113 3.34 9.73 -18.72
CA ILE C 113 4.10 10.76 -19.42
C ILE C 113 4.87 10.09 -20.55
N GLN C 114 4.31 10.15 -21.76
CA GLN C 114 4.90 9.53 -22.93
C GLN C 114 6.38 9.83 -23.17
N ASN C 115 6.73 11.12 -23.27
CA ASN C 115 8.11 11.53 -23.52
C ASN C 115 8.54 12.56 -22.49
N PRO C 116 9.21 12.13 -21.42
CA PRO C 116 9.67 13.03 -20.36
C PRO C 116 10.82 13.93 -20.78
N ASP C 117 10.81 15.15 -20.28
CA ASP C 117 11.85 16.14 -20.57
C ASP C 117 11.98 17.13 -19.41
N PRO C 118 12.29 16.63 -18.20
CA PRO C 118 12.46 17.39 -16.95
C PRO C 118 13.32 18.63 -17.05
N ALA C 119 12.85 19.72 -16.45
CA ALA C 119 13.56 20.98 -16.47
C ALA C 119 12.99 21.94 -15.45
N VAL C 120 13.79 22.94 -15.09
CA VAL C 120 13.37 23.96 -14.14
C VAL C 120 13.54 25.30 -14.84
N TYR C 121 12.41 25.94 -15.13
CA TYR C 121 12.41 27.21 -15.84
C TYR C 121 12.09 28.41 -14.94
N GLN C 122 12.74 29.55 -15.21
CA GLN C 122 12.44 30.73 -14.43
C GLN C 122 11.44 31.56 -15.24
N LEU C 123 10.24 31.76 -14.68
CA LEU C 123 9.21 32.53 -15.36
C LEU C 123 9.31 34.02 -15.11
N ARG C 124 9.13 34.78 -16.19
CA ARG C 124 9.21 36.22 -16.20
C ARG C 124 8.45 36.93 -15.06
N ASP C 125 9.12 37.90 -14.44
CA ASP C 125 8.54 38.65 -13.34
C ASP C 125 7.41 39.50 -13.88
N SER C 126 6.49 39.89 -13.01
CA SER C 126 5.36 40.72 -13.40
C SER C 126 5.59 42.13 -12.81
N LYS C 127 5.20 43.17 -13.54
CA LYS C 127 5.38 44.54 -13.07
C LYS C 127 4.61 44.72 -11.77
N SER C 128 3.48 44.01 -11.69
CA SER C 128 2.58 44.05 -10.54
C SER C 128 3.10 43.35 -9.28
N SER C 129 3.89 42.30 -9.43
CA SER C 129 4.44 41.56 -8.29
C SER C 129 5.96 41.66 -8.20
N ASP C 130 6.50 41.28 -7.04
CA ASP C 130 7.95 41.32 -6.81
C ASP C 130 8.53 39.93 -6.92
N LYS C 131 7.66 38.94 -6.77
CA LYS C 131 8.06 37.55 -6.81
C LYS C 131 8.76 37.03 -8.08
N SER C 132 9.42 35.89 -7.88
CA SER C 132 10.13 35.18 -8.92
C SER C 132 9.54 33.77 -8.85
N VAL C 133 9.21 33.19 -9.99
CA VAL C 133 8.63 31.85 -9.99
C VAL C 133 9.50 30.86 -10.75
N CYS C 134 9.61 29.64 -10.23
CA CYS C 134 10.38 28.62 -10.91
C CYS C 134 9.45 27.45 -11.18
N LEU C 135 9.33 27.10 -12.45
CA LEU C 135 8.48 26.01 -12.87
C LEU C 135 9.28 24.73 -13.13
N PHE C 136 9.06 23.69 -12.34
CA PHE C 136 9.73 22.41 -12.53
C PHE C 136 8.68 21.62 -13.32
N THR C 137 9.00 21.29 -14.58
CA THR C 137 8.03 20.61 -15.43
C THR C 137 8.58 19.54 -16.38
N ASP C 138 7.65 18.78 -16.99
CA ASP C 138 7.92 17.70 -17.94
C ASP C 138 8.57 16.45 -17.37
N PHE C 139 8.57 16.34 -16.04
CA PHE C 139 9.16 15.18 -15.40
C PHE C 139 8.23 13.98 -15.46
N ASP C 140 8.78 12.81 -15.18
CA ASP C 140 8.00 11.58 -15.21
C ASP C 140 7.27 11.43 -13.87
N SER C 141 6.12 10.76 -13.90
CA SER C 141 5.32 10.54 -12.69
C SER C 141 6.05 9.70 -11.65
N GLN C 142 7.29 9.35 -11.92
CA GLN C 142 8.08 8.55 -10.98
C GLN C 142 8.68 9.46 -9.96
N THR C 143 8.54 10.76 -10.20
CA THR C 143 9.06 11.80 -9.32
C THR C 143 8.03 12.31 -8.31
N ASN C 144 8.53 12.66 -7.14
CA ASN C 144 7.72 13.19 -6.05
C ASN C 144 8.39 14.47 -5.61
N VAL C 145 7.63 15.56 -5.55
CA VAL C 145 8.19 16.83 -5.15
C VAL C 145 7.98 16.99 -3.64
N SER C 146 8.93 17.62 -2.95
CA SER C 146 8.79 17.76 -1.51
C SER C 146 8.90 19.18 -1.02
N GLN C 147 8.14 19.49 0.03
CA GLN C 147 8.15 20.82 0.61
C GLN C 147 9.58 21.30 0.73
N SER C 148 9.76 22.60 0.64
CA SER C 148 11.09 23.19 0.73
C SER C 148 11.58 23.15 2.17
N LYS C 149 12.88 23.36 2.33
CA LYS C 149 13.50 23.35 3.65
C LYS C 149 13.35 24.73 4.27
N ASP C 150 13.60 25.78 3.49
CA ASP C 150 13.47 27.15 3.98
C ASP C 150 11.99 27.48 4.20
N SER C 151 11.70 28.24 5.26
CA SER C 151 10.34 28.58 5.60
C SER C 151 9.65 29.57 4.67
N ASP C 152 10.42 30.41 4.01
CA ASP C 152 9.83 31.40 3.11
C ASP C 152 10.08 31.20 1.62
N VAL C 153 9.95 29.95 1.19
CA VAL C 153 10.12 29.56 -0.21
C VAL C 153 9.03 28.51 -0.40
N TYR C 154 7.97 28.90 -1.08
CA TYR C 154 6.83 28.02 -1.29
C TYR C 154 6.88 27.06 -2.48
N ILE C 155 6.37 25.86 -2.28
CA ILE C 155 6.34 24.83 -3.30
C ILE C 155 4.99 24.11 -3.30
N THR C 156 4.49 23.82 -4.50
CA THR C 156 3.21 23.14 -4.66
C THR C 156 3.40 21.72 -5.20
N ASP C 157 2.66 20.77 -4.66
CA ASP C 157 2.78 19.39 -5.12
C ASP C 157 2.54 19.35 -6.63
N LYS C 158 3.17 18.39 -7.30
CA LYS C 158 3.02 18.23 -8.73
C LYS C 158 1.55 18.23 -9.16
N CYS C 159 1.30 18.68 -10.37
CA CYS C 159 -0.06 18.73 -10.93
C CYS C 159 0.02 18.15 -12.35
N VAL C 160 -1.10 17.78 -12.92
CA VAL C 160 -1.14 17.23 -14.28
C VAL C 160 -2.02 18.04 -15.20
N LEU C 161 -1.48 18.44 -16.34
CA LEU C 161 -2.27 19.20 -17.30
C LEU C 161 -2.22 18.50 -18.64
N ASP C 162 -3.38 18.49 -19.31
CA ASP C 162 -3.52 17.84 -20.59
C ASP C 162 -3.93 18.82 -21.67
N MET C 163 -3.26 18.75 -22.82
CA MET C 163 -3.60 19.58 -23.96
C MET C 163 -4.19 18.61 -24.97
N ARG C 164 -5.51 18.40 -24.89
CA ARG C 164 -6.21 17.45 -25.77
C ARG C 164 -5.75 17.49 -27.22
N SER C 165 -5.79 18.67 -27.82
CA SER C 165 -5.40 18.87 -29.21
C SER C 165 -4.11 18.16 -29.64
N MET C 166 -3.09 18.21 -28.80
CA MET C 166 -1.79 17.63 -29.13
C MET C 166 -1.49 16.31 -28.43
N ASP C 167 -2.53 15.67 -27.90
CA ASP C 167 -2.38 14.38 -27.22
C ASP C 167 -1.14 14.47 -26.34
N PHE C 168 -1.12 15.50 -25.49
CA PHE C 168 0.02 15.76 -24.62
C PHE C 168 -0.40 15.98 -23.17
N LYS C 169 0.35 15.39 -22.25
CA LYS C 169 0.12 15.52 -20.81
C LYS C 169 1.46 15.91 -20.20
N SER C 170 1.42 16.77 -19.19
CA SER C 170 2.67 17.17 -18.53
C SER C 170 2.49 17.41 -17.04
N ASN C 171 3.50 17.05 -16.26
CA ASN C 171 3.48 17.25 -14.81
C ASN C 171 4.21 18.55 -14.54
N SER C 172 3.93 19.18 -13.41
CA SER C 172 4.59 20.42 -13.04
C SER C 172 4.41 20.71 -11.56
N ALA C 173 5.31 21.55 -11.05
CA ALA C 173 5.32 21.96 -9.67
C ALA C 173 5.83 23.39 -9.66
N VAL C 174 5.27 24.23 -8.83
CA VAL C 174 5.73 25.60 -8.79
C VAL C 174 6.43 25.93 -7.46
N ALA C 175 7.47 26.75 -7.56
CA ALA C 175 8.26 27.17 -6.41
C ALA C 175 8.50 28.67 -6.49
N TRP C 176 8.10 29.40 -5.46
CA TRP C 176 8.28 30.84 -5.47
C TRP C 176 8.73 31.41 -4.13
N SER C 177 9.33 32.59 -4.19
CA SER C 177 9.83 33.27 -3.01
C SER C 177 10.10 34.73 -3.39
N ASN C 178 10.12 35.61 -2.40
CA ASN C 178 10.38 37.02 -2.66
C ASN C 178 11.76 37.34 -2.08
N LYS C 179 12.41 36.28 -1.59
CA LYS C 179 13.75 36.34 -1.00
C LYS C 179 14.75 36.57 -2.13
N SER C 180 15.91 37.14 -1.80
CA SER C 180 16.95 37.37 -2.80
C SER C 180 17.73 36.06 -2.90
N ASP C 181 17.77 35.34 -1.79
CA ASP C 181 18.45 34.06 -1.73
C ASP C 181 18.05 33.14 -2.88
N PHE C 182 16.74 33.09 -3.08
CA PHE C 182 16.06 32.29 -4.09
C PHE C 182 16.47 32.33 -5.56
N ALA C 183 16.86 31.17 -6.07
CA ALA C 183 17.26 30.97 -7.45
C ALA C 183 16.64 29.65 -7.91
N CYS C 184 16.38 29.50 -9.20
CA CYS C 184 15.76 28.27 -9.70
C CYS C 184 16.67 27.07 -9.57
N ALA C 185 17.95 27.32 -9.34
CA ALA C 185 18.89 26.23 -9.22
C ALA C 185 18.82 25.55 -7.86
N ASN C 186 18.41 26.29 -6.82
CA ASN C 186 18.31 25.72 -5.48
C ASN C 186 16.88 25.46 -5.04
N ALA C 187 15.93 26.00 -5.79
CA ALA C 187 14.52 25.88 -5.47
C ALA C 187 14.01 24.48 -5.14
N PHE C 188 14.47 23.47 -5.88
CA PHE C 188 14.01 22.11 -5.65
C PHE C 188 15.02 21.12 -5.09
N ASN C 189 16.05 21.60 -4.40
CA ASN C 189 17.07 20.70 -3.85
C ASN C 189 16.57 19.59 -2.93
N ASN C 190 15.61 19.89 -2.06
CA ASN C 190 15.09 18.89 -1.13
C ASN C 190 14.19 17.87 -1.81
N SER C 191 14.33 17.76 -3.12
CA SER C 191 13.54 16.81 -3.90
C SER C 191 14.52 16.03 -4.79
N ILE C 192 14.41 14.71 -4.81
CA ILE C 192 15.29 13.92 -5.64
C ILE C 192 14.77 13.90 -7.07
N ILE C 193 15.17 14.91 -7.83
CA ILE C 193 14.73 15.02 -9.21
C ILE C 193 15.62 14.23 -10.16
N PRO C 194 15.11 13.92 -11.37
CA PRO C 194 15.85 13.17 -12.38
C PRO C 194 17.21 13.79 -12.63
N GLU C 195 18.23 12.96 -12.78
CA GLU C 195 19.58 13.49 -13.01
C GLU C 195 19.65 14.11 -14.40
N ASP C 196 18.62 13.84 -15.19
CA ASP C 196 18.52 14.35 -16.55
C ASP C 196 17.98 15.80 -16.60
N THR C 197 17.53 16.29 -15.45
CA THR C 197 16.96 17.63 -15.34
C THR C 197 17.78 18.76 -15.93
N PHE C 198 17.18 19.41 -16.92
CA PHE C 198 17.79 20.51 -17.64
C PHE C 198 17.55 21.82 -16.91
N PHE C 199 18.59 22.64 -16.81
CA PHE C 199 18.52 23.93 -16.14
C PHE C 199 19.04 24.98 -17.12
N PRO C 200 18.16 25.88 -17.59
CA PRO C 200 18.62 26.89 -18.53
C PRO C 200 19.62 27.87 -17.89
N SER C 201 20.60 28.30 -18.67
CA SER C 201 21.62 29.24 -18.20
C SER C 201 21.12 30.67 -18.29
N GLU D 2 -33.14 20.22 -12.35
CA GLU D 2 -34.26 20.41 -11.39
C GLU D 2 -34.47 19.12 -10.61
N ALA D 3 -33.45 18.70 -9.85
CA ALA D 3 -33.54 17.46 -9.07
C ALA D 3 -32.74 17.41 -7.79
N GLN D 4 -31.78 18.31 -7.64
CA GLN D 4 -30.92 18.27 -6.46
C GLN D 4 -31.33 18.82 -5.10
N VAL D 5 -30.37 18.68 -4.19
CA VAL D 5 -30.42 19.12 -2.82
C VAL D 5 -29.91 20.54 -2.90
N THR D 6 -30.32 21.39 -1.97
CA THR D 6 -29.86 22.77 -2.02
C THR D 6 -29.34 23.18 -0.67
N GLN D 7 -28.18 23.82 -0.66
CA GLN D 7 -27.63 24.27 0.60
C GLN D 7 -27.40 25.76 0.51
N ASN D 8 -27.79 26.47 1.57
CA ASN D 8 -27.66 27.91 1.61
C ASN D 8 -27.29 28.32 3.03
N PRO D 9 -26.21 29.11 3.17
CA PRO D 9 -25.34 29.66 2.12
C PRO D 9 -24.23 28.65 1.79
N ARG D 10 -23.54 28.89 0.68
CA ARG D 10 -22.44 28.04 0.22
C ARG D 10 -21.14 28.30 0.97
N TYR D 11 -20.93 29.55 1.36
CA TYR D 11 -19.73 29.97 2.08
C TYR D 11 -20.13 30.94 3.19
N LEU D 12 -19.41 30.89 4.30
CA LEU D 12 -19.71 31.79 5.40
C LEU D 12 -18.55 31.96 6.36
N ILE D 13 -18.38 33.21 6.80
CA ILE D 13 -17.34 33.58 7.76
C ILE D 13 -18.13 34.15 8.92
N THR D 14 -17.68 33.92 10.14
CA THR D 14 -18.42 34.42 11.29
C THR D 14 -17.54 34.57 12.50
N VAL D 15 -17.95 35.43 13.43
CA VAL D 15 -17.16 35.62 14.64
C VAL D 15 -17.61 34.58 15.64
N THR D 16 -16.71 34.16 16.51
CA THR D 16 -17.09 33.18 17.52
C THR D 16 -18.28 33.78 18.28
N GLY D 17 -19.34 32.98 18.45
CA GLY D 17 -20.50 33.47 19.18
C GLY D 17 -21.73 33.70 18.33
N LYS D 18 -21.62 34.59 17.35
CA LYS D 18 -22.77 34.89 16.48
C LYS D 18 -23.35 33.57 15.97
N LYS D 19 -24.60 33.29 16.33
CA LYS D 19 -25.26 32.05 15.90
C LYS D 19 -25.49 32.11 14.40
N LEU D 20 -25.67 30.95 13.77
CA LEU D 20 -25.90 30.89 12.33
C LEU D 20 -26.72 29.66 11.94
N THR D 21 -27.34 29.71 10.76
CA THR D 21 -28.17 28.60 10.31
C THR D 21 -27.99 28.30 8.83
N VAL D 22 -27.49 27.10 8.54
CA VAL D 22 -27.31 26.66 7.15
C VAL D 22 -28.53 25.83 6.80
N THR D 23 -29.23 26.22 5.75
CA THR D 23 -30.40 25.50 5.33
C THR D 23 -30.10 24.45 4.28
N CYS D 24 -30.96 23.44 4.22
CA CYS D 24 -30.84 22.38 3.24
C CYS D 24 -32.23 22.14 2.69
N SER D 25 -32.39 22.30 1.38
CA SER D 25 -33.70 22.08 0.78
C SER D 25 -33.57 20.98 -0.25
N GLN D 26 -34.61 20.17 -0.34
CA GLN D 26 -34.61 19.05 -1.27
C GLN D 26 -36.00 18.94 -1.86
N ASN D 27 -36.08 18.95 -3.19
CA ASN D 27 -37.35 18.88 -3.90
C ASN D 27 -37.65 17.52 -4.51
N MET D 28 -37.20 16.45 -3.85
CA MET D 28 -37.44 15.10 -4.35
C MET D 28 -38.42 14.35 -3.48
N ASN D 29 -38.91 15.01 -2.45
CA ASN D 29 -39.87 14.40 -1.54
C ASN D 29 -39.25 13.24 -0.75
N HIS D 30 -37.97 13.34 -0.43
CA HIS D 30 -37.30 12.29 0.33
C HIS D 30 -37.65 12.43 1.81
N GLU D 31 -37.81 11.30 2.50
CA GLU D 31 -38.14 11.33 3.92
C GLU D 31 -36.87 11.31 4.74
N TYR D 32 -35.76 10.95 4.12
CA TYR D 32 -34.51 10.88 4.84
C TYR D 32 -33.55 12.03 4.49
N MET D 33 -33.13 12.74 5.54
CA MET D 33 -32.20 13.85 5.40
C MET D 33 -31.17 13.80 6.53
N SER D 34 -29.95 14.24 6.26
CA SER D 34 -28.92 14.23 7.28
C SER D 34 -27.82 15.22 6.98
N TRP D 35 -27.10 15.60 8.02
CA TRP D 35 -26.00 16.54 7.89
C TRP D 35 -24.71 15.85 8.20
N TYR D 36 -23.67 16.24 7.48
CA TYR D 36 -22.33 15.71 7.66
C TYR D 36 -21.33 16.85 7.67
N ARG D 37 -20.23 16.64 8.37
CA ARG D 37 -19.15 17.61 8.38
C ARG D 37 -17.94 16.77 8.00
N GLN D 38 -17.08 17.32 7.17
CA GLN D 38 -15.90 16.62 6.70
C GLN D 38 -14.64 17.44 7.04
N ASP D 39 -13.63 16.76 7.57
CA ASP D 39 -12.39 17.42 7.91
C ASP D 39 -11.21 16.62 7.37
N PRO D 40 -10.05 17.26 7.24
CA PRO D 40 -8.88 16.55 6.70
C PRO D 40 -8.42 15.49 7.68
N GLY D 41 -8.35 14.25 7.19
CA GLY D 41 -7.91 13.16 8.04
C GLY D 41 -8.99 12.52 8.89
N LEU D 42 -10.20 13.05 8.81
CA LEU D 42 -11.29 12.47 9.60
C LEU D 42 -12.46 12.01 8.74
N GLY D 43 -12.35 12.23 7.44
CA GLY D 43 -13.40 11.81 6.53
C GLY D 43 -14.77 12.41 6.78
N LEU D 44 -15.80 11.70 6.34
CA LEU D 44 -17.19 12.12 6.48
C LEU D 44 -17.80 11.66 7.80
N ARG D 45 -18.20 12.60 8.65
CA ARG D 45 -18.80 12.28 9.95
C ARG D 45 -20.21 12.84 10.06
N GLN D 46 -21.14 12.01 10.53
CA GLN D 46 -22.53 12.42 10.67
C GLN D 46 -22.77 13.28 11.90
N ILE D 47 -23.65 14.26 11.76
CA ILE D 47 -23.96 15.20 12.84
C ILE D 47 -25.36 14.93 13.41
N TYR D 48 -26.34 14.86 12.52
CA TYR D 48 -27.73 14.61 12.87
C TYR D 48 -28.39 14.07 11.62
N TYR D 49 -29.42 13.24 11.79
CA TYR D 49 -30.15 12.69 10.65
C TYR D 49 -31.64 12.74 11.00
N SER D 50 -32.49 12.69 9.99
CA SER D 50 -33.94 12.77 10.18
C SER D 50 -34.64 11.77 9.27
N MET D 51 -35.07 10.64 9.84
CA MET D 51 -35.73 9.59 9.05
C MET D 51 -37.07 9.99 8.45
N ASN D 52 -37.65 11.08 8.93
CA ASN D 52 -38.92 11.56 8.40
C ASN D 52 -39.32 12.84 9.13
N VAL D 53 -40.49 13.38 8.81
CA VAL D 53 -40.90 14.61 9.47
C VAL D 53 -41.03 14.48 10.97
N GLU D 54 -40.49 15.48 11.66
CA GLU D 54 -40.52 15.53 13.12
C GLU D 54 -39.75 14.39 13.76
N VAL D 55 -38.97 13.67 12.97
CA VAL D 55 -38.15 12.57 13.49
C VAL D 55 -36.69 13.06 13.47
N THR D 56 -35.98 12.90 14.59
CA THR D 56 -34.59 13.41 14.70
C THR D 56 -33.69 12.68 15.70
N ASP D 57 -32.59 12.11 15.19
CA ASP D 57 -31.63 11.42 16.02
C ASP D 57 -30.20 11.90 15.82
N LYS D 58 -29.49 12.07 16.92
CA LYS D 58 -28.12 12.56 16.88
C LYS D 58 -27.07 11.55 16.39
N GLY D 59 -26.34 11.94 15.36
CA GLY D 59 -25.30 11.10 14.79
C GLY D 59 -24.03 11.12 15.63
N ASP D 60 -22.92 10.67 15.06
CA ASP D 60 -21.63 10.60 15.74
C ASP D 60 -21.08 11.87 16.44
N VAL D 61 -21.10 13.00 15.77
CA VAL D 61 -20.58 14.23 16.35
C VAL D 61 -21.61 15.36 16.42
N PRO D 62 -22.67 15.17 17.21
CA PRO D 62 -23.79 16.09 17.42
C PRO D 62 -23.64 17.28 18.36
N GLU D 63 -22.60 17.29 19.19
CA GLU D 63 -22.43 18.40 20.11
C GLU D 63 -22.19 19.72 19.38
N GLY D 64 -22.93 20.75 19.79
CA GLY D 64 -22.79 22.06 19.16
C GLY D 64 -23.85 22.34 18.11
N TYR D 65 -24.35 21.28 17.47
CA TYR D 65 -25.36 21.42 16.43
C TYR D 65 -26.76 21.08 16.89
N LYS D 66 -27.74 21.59 16.18
CA LYS D 66 -29.16 21.33 16.44
C LYS D 66 -29.88 21.33 15.10
N VAL D 67 -30.93 20.52 14.99
CA VAL D 67 -31.68 20.44 13.75
C VAL D 67 -33.18 20.42 14.02
N SER D 68 -33.96 20.58 12.97
CA SER D 68 -35.41 20.58 13.09
C SER D 68 -36.01 20.13 11.78
N ARG D 69 -36.96 19.22 11.86
CA ARG D 69 -37.61 18.68 10.68
C ARG D 69 -39.11 18.96 10.70
N LYS D 70 -39.47 20.24 10.63
CA LYS D 70 -40.88 20.60 10.64
C LYS D 70 -41.54 20.21 9.32
N GLU D 71 -40.77 20.30 8.23
CA GLU D 71 -41.29 19.96 6.93
C GLU D 71 -40.42 18.87 6.31
N LYS D 72 -40.95 18.21 5.28
CA LYS D 72 -40.22 17.15 4.61
C LYS D 72 -39.10 17.75 3.76
N ARG D 73 -39.37 18.90 3.13
CA ARG D 73 -38.37 19.55 2.29
C ARG D 73 -37.11 20.07 3.00
N ASN D 74 -37.27 20.80 4.11
CA ASN D 74 -36.12 21.37 4.80
C ASN D 74 -35.59 20.68 6.04
N PHE D 75 -34.27 20.75 6.19
CA PHE D 75 -33.56 20.17 7.32
C PHE D 75 -32.40 21.11 7.63
N PRO D 76 -32.67 22.20 8.38
CA PRO D 76 -31.68 23.20 8.76
C PRO D 76 -30.72 22.69 9.82
N LEU D 77 -29.57 23.35 9.91
CA LEU D 77 -28.55 23.01 10.87
C LEU D 77 -28.26 24.29 11.63
N ILE D 78 -28.66 24.33 12.89
CA ILE D 78 -28.44 25.51 13.72
C ILE D 78 -27.18 25.32 14.54
N LEU D 79 -26.42 26.40 14.68
CA LEU D 79 -25.24 26.44 15.52
C LEU D 79 -25.54 27.62 16.44
N GLU D 80 -25.86 27.34 17.70
CA GLU D 80 -26.20 28.39 18.65
C GLU D 80 -25.03 29.31 18.96
N SER D 81 -23.93 28.72 19.41
CA SER D 81 -22.73 29.48 19.71
C SER D 81 -21.55 28.85 19.01
N PRO D 82 -21.36 29.21 17.72
CA PRO D 82 -20.30 28.74 16.82
C PRO D 82 -18.90 28.84 17.42
N SER D 83 -18.07 27.84 17.14
CA SER D 83 -16.71 27.78 17.67
C SER D 83 -15.68 27.48 16.59
N PRO D 84 -14.43 27.91 16.79
CA PRO D 84 -13.35 27.68 15.83
C PRO D 84 -13.30 26.25 15.30
N ASN D 85 -13.58 25.28 16.15
CA ASN D 85 -13.57 23.87 15.75
C ASN D 85 -14.77 23.46 14.91
N GLN D 86 -15.70 24.39 14.68
CA GLN D 86 -16.88 24.12 13.87
C GLN D 86 -16.64 24.63 12.45
N THR D 87 -15.37 24.91 12.19
CA THR D 87 -14.93 25.36 10.89
C THR D 87 -14.75 24.05 10.14
N SER D 88 -15.45 23.91 9.02
CA SER D 88 -15.40 22.69 8.25
C SER D 88 -16.27 22.75 6.99
N LEU D 89 -16.24 21.67 6.21
CA LEU D 89 -17.05 21.60 5.01
C LEU D 89 -18.23 20.75 5.42
N TYR D 90 -19.42 21.31 5.31
CA TYR D 90 -20.66 20.65 5.68
C TYR D 90 -21.47 20.15 4.47
N PHE D 91 -21.97 18.92 4.55
CA PHE D 91 -22.76 18.35 3.47
C PHE D 91 -24.09 17.88 3.93
N CYS D 92 -25.11 18.17 3.13
CA CYS D 92 -26.45 17.73 3.45
C CYS D 92 -26.79 16.61 2.46
N ALA D 93 -27.35 15.52 2.94
CA ALA D 93 -27.67 14.42 2.03
C ALA D 93 -29.14 14.04 2.12
N SER D 94 -29.69 13.56 1.01
CA SER D 94 -31.10 13.14 0.96
C SER D 94 -31.10 11.66 0.59
N SER D 95 -32.07 10.89 1.10
CA SER D 95 -32.11 9.45 0.82
C SER D 95 -33.49 9.02 0.28
N GLY D 96 -33.50 8.00 -0.58
CA GLY D 96 -34.75 7.50 -1.13
C GLY D 96 -35.03 6.03 -0.78
N ALA D 97 -35.87 5.35 -1.57
CA ALA D 97 -36.21 3.94 -1.34
C ALA D 97 -34.95 3.08 -1.32
N SER D 98 -34.15 3.24 -2.37
CA SER D 98 -32.88 2.57 -2.48
C SER D 98 -32.15 3.54 -1.60
N HIS D 99 -31.58 3.03 -0.51
CA HIS D 99 -30.90 3.86 0.46
C HIS D 99 -29.59 4.45 -0.05
N GLU D 100 -29.75 5.22 -1.14
CA GLU D 100 -28.69 5.92 -1.85
C GLU D 100 -28.73 7.42 -1.49
N GLN D 101 -27.56 8.02 -1.32
CA GLN D 101 -27.45 9.43 -0.93
C GLN D 101 -27.26 10.46 -2.04
N TYR D 102 -27.99 11.56 -1.92
CA TYR D 102 -27.91 12.69 -2.84
C TYR D 102 -27.37 13.78 -1.93
N PHE D 103 -26.18 14.29 -2.22
CA PHE D 103 -25.58 15.32 -1.38
C PHE D 103 -25.74 16.73 -1.91
N GLY D 104 -25.93 17.68 -1.01
CA GLY D 104 -26.03 19.08 -1.40
C GLY D 104 -24.69 19.48 -2.01
N PRO D 105 -24.55 20.69 -2.58
CA PRO D 105 -23.25 21.03 -3.16
C PRO D 105 -22.13 21.33 -2.16
N GLY D 106 -22.47 21.49 -0.88
CA GLY D 106 -21.44 21.77 0.10
C GLY D 106 -21.45 23.18 0.67
N THR D 107 -21.21 23.28 1.98
CA THR D 107 -21.18 24.56 2.66
C THR D 107 -19.85 24.68 3.39
N ARG D 108 -19.08 25.71 3.03
CA ARG D 108 -17.78 25.98 3.63
C ARG D 108 -17.92 27.08 4.66
N LEU D 109 -17.84 26.68 5.92
CA LEU D 109 -17.97 27.59 7.04
C LEU D 109 -16.65 27.75 7.78
N THR D 110 -16.33 28.99 8.14
CA THR D 110 -15.11 29.29 8.89
C THR D 110 -15.47 30.21 10.05
N VAL D 111 -15.27 29.68 11.25
CA VAL D 111 -15.52 30.43 12.47
C VAL D 111 -14.17 31.00 12.92
N THR D 112 -14.05 32.32 12.82
CA THR D 112 -12.81 32.99 13.17
C THR D 112 -12.93 33.83 14.44
N GLU D 113 -11.84 33.85 15.21
CA GLU D 113 -11.82 34.61 16.45
C GLU D 113 -12.10 36.09 16.25
N ASP D 114 -11.74 36.62 15.08
CA ASP D 114 -11.93 38.06 14.78
C ASP D 114 -11.90 38.29 13.26
N LEU D 115 -12.90 39.00 12.75
CA LEU D 115 -12.97 39.25 11.31
C LEU D 115 -11.79 40.06 10.81
N LYS D 116 -10.85 40.31 11.69
CA LYS D 116 -9.68 41.08 11.32
C LYS D 116 -8.65 40.16 10.69
N ASN D 117 -9.01 38.88 10.52
CA ASN D 117 -8.11 37.89 9.95
C ASN D 117 -8.38 37.60 8.48
N VAL D 118 -9.53 38.05 7.99
CA VAL D 118 -9.96 37.85 6.60
C VAL D 118 -9.25 38.74 5.58
N PHE D 119 -8.49 38.12 4.68
CA PHE D 119 -7.76 38.83 3.65
C PHE D 119 -8.15 38.35 2.25
N PRO D 120 -8.28 39.28 1.29
CA PRO D 120 -8.64 38.93 -0.08
C PRO D 120 -7.38 38.44 -0.75
N PRO D 121 -7.52 37.73 -1.86
CA PRO D 121 -6.26 37.28 -2.47
C PRO D 121 -5.66 38.30 -3.41
N GLU D 122 -4.35 38.21 -3.56
CA GLU D 122 -3.62 39.04 -4.48
C GLU D 122 -3.36 38.05 -5.61
N VAL D 123 -3.44 38.52 -6.85
CA VAL D 123 -3.23 37.63 -7.98
C VAL D 123 -2.26 38.24 -8.96
N ALA D 124 -1.34 37.41 -9.42
CA ALA D 124 -0.34 37.86 -10.36
C ALA D 124 -0.09 36.73 -11.36
N VAL D 125 0.27 37.11 -12.58
CA VAL D 125 0.52 36.15 -13.65
C VAL D 125 1.95 36.25 -14.15
N PHE D 126 2.63 35.12 -14.17
CA PHE D 126 4.01 35.07 -14.62
C PHE D 126 4.09 34.47 -16.02
N GLU D 127 4.64 35.24 -16.95
CA GLU D 127 4.74 34.84 -18.35
C GLU D 127 5.77 33.75 -18.63
N PRO D 128 5.59 33.02 -19.74
CA PRO D 128 6.48 31.93 -20.16
C PRO D 128 7.96 32.29 -20.28
N SER D 129 8.81 31.33 -19.89
CA SER D 129 10.27 31.46 -19.95
C SER D 129 10.71 31.31 -21.40
N GLU D 130 11.69 32.10 -21.82
CA GLU D 130 12.17 32.03 -23.19
C GLU D 130 12.85 30.68 -23.37
N ALA D 131 13.43 30.20 -22.28
CA ALA D 131 14.12 28.92 -22.28
C ALA D 131 13.14 27.76 -22.53
N GLU D 132 11.97 27.81 -21.91
CA GLU D 132 10.99 26.74 -22.10
C GLU D 132 10.43 26.75 -23.52
N ILE D 133 10.57 27.88 -24.21
CA ILE D 133 10.03 27.97 -25.56
C ILE D 133 10.95 27.47 -26.67
N SER D 134 12.26 27.56 -26.47
CA SER D 134 13.19 27.07 -27.49
C SER D 134 13.46 25.60 -27.27
N HIS D 135 13.36 25.17 -26.02
CA HIS D 135 13.59 23.79 -25.62
C HIS D 135 12.36 22.92 -25.88
N THR D 136 11.18 23.47 -25.63
CA THR D 136 9.93 22.75 -25.76
C THR D 136 8.95 23.21 -26.84
N GLN D 137 8.96 24.50 -27.16
CA GLN D 137 8.04 25.05 -28.15
C GLN D 137 6.63 25.15 -27.54
N LYS D 138 6.58 25.27 -26.22
CA LYS D 138 5.33 25.40 -25.50
C LYS D 138 5.55 26.53 -24.49
N ALA D 139 4.50 27.26 -24.18
CA ALA D 139 4.63 28.35 -23.24
C ALA D 139 3.68 28.06 -22.10
N THR D 140 4.19 28.15 -20.87
CA THR D 140 3.37 27.89 -19.70
C THR D 140 3.27 29.15 -18.85
N LEU D 141 2.05 29.61 -18.61
CA LEU D 141 1.81 30.76 -17.76
C LEU D 141 1.45 30.23 -16.39
N VAL D 142 1.96 30.89 -15.36
CA VAL D 142 1.68 30.45 -14.00
C VAL D 142 0.86 31.52 -13.29
N CYS D 143 -0.16 31.10 -12.57
CA CYS D 143 -0.95 32.08 -11.83
C CYS D 143 -0.79 31.83 -10.33
N LEU D 144 -0.52 32.90 -9.61
CA LEU D 144 -0.34 32.84 -8.16
C LEU D 144 -1.36 33.68 -7.45
N ALA D 145 -2.14 33.03 -6.58
CA ALA D 145 -3.15 33.69 -5.77
C ALA D 145 -2.60 33.50 -4.37
N THR D 146 -2.22 34.59 -3.74
CA THR D 146 -1.60 34.49 -2.43
C THR D 146 -2.18 35.40 -1.36
N GLY D 147 -1.82 35.08 -0.12
CA GLY D 147 -2.23 35.84 1.04
C GLY D 147 -3.71 35.93 1.36
N PHE D 148 -4.48 34.95 0.92
CA PHE D 148 -5.92 34.99 1.20
C PHE D 148 -6.34 34.13 2.39
N TYR D 149 -7.39 34.58 3.06
CA TYR D 149 -7.98 33.90 4.20
C TYR D 149 -9.40 34.39 4.34
N PRO D 150 -10.36 33.46 4.52
CA PRO D 150 -10.09 32.02 4.58
C PRO D 150 -9.69 31.37 3.25
N ASP D 151 -9.47 30.06 3.28
CA ASP D 151 -9.06 29.32 2.08
C ASP D 151 -10.20 29.06 1.10
N HIS D 152 -11.05 30.06 0.87
CA HIS D 152 -12.19 29.93 -0.04
C HIS D 152 -12.03 30.64 -1.39
N VAL D 153 -11.44 29.98 -2.37
CA VAL D 153 -11.28 30.58 -3.70
C VAL D 153 -11.60 29.62 -4.85
N GLU D 154 -12.07 30.16 -5.95
CA GLU D 154 -12.37 29.39 -7.15
C GLU D 154 -11.59 30.10 -8.23
N LEU D 155 -10.56 29.46 -8.78
CA LEU D 155 -9.72 30.08 -9.81
C LEU D 155 -10.04 29.55 -11.23
N SER D 156 -9.93 30.41 -12.24
CA SER D 156 -10.23 30.02 -13.64
C SER D 156 -9.50 30.84 -14.71
N TRP D 157 -9.11 30.20 -15.82
CA TRP D 157 -8.42 30.92 -16.89
C TRP D 157 -9.33 31.44 -18.00
N TRP D 158 -9.06 32.66 -18.45
CA TRP D 158 -9.83 33.30 -19.52
C TRP D 158 -8.94 33.83 -20.61
N VAL D 159 -8.97 33.17 -21.77
CA VAL D 159 -8.17 33.56 -22.94
C VAL D 159 -9.05 34.27 -23.98
N ASN D 160 -8.71 35.51 -24.31
CA ASN D 160 -9.49 36.27 -25.29
C ASN D 160 -10.97 36.26 -24.96
N GLY D 161 -11.31 36.55 -23.71
CA GLY D 161 -12.71 36.63 -23.29
C GLY D 161 -13.47 35.34 -23.11
N LYS D 162 -12.81 34.20 -23.28
CA LYS D 162 -13.50 32.93 -23.12
C LYS D 162 -12.79 32.02 -22.13
N GLU D 163 -13.55 31.35 -21.28
CA GLU D 163 -12.99 30.46 -20.27
C GLU D 163 -12.25 29.31 -20.91
N VAL D 164 -11.18 28.85 -20.27
CA VAL D 164 -10.36 27.78 -20.77
C VAL D 164 -10.13 26.63 -19.80
N HIS D 165 -10.23 25.41 -20.31
CA HIS D 165 -10.00 24.24 -19.47
C HIS D 165 -8.84 23.44 -20.04
N SER D 166 -8.69 23.48 -21.36
CA SER D 166 -7.60 22.76 -21.99
C SER D 166 -6.25 23.42 -21.65
N GLY D 167 -5.35 22.61 -21.12
CA GLY D 167 -4.04 23.10 -20.76
C GLY D 167 -3.91 23.67 -19.35
N VAL D 168 -4.96 23.63 -18.54
CA VAL D 168 -4.84 24.20 -17.20
C VAL D 168 -4.75 23.18 -16.07
N CYS D 169 -3.98 23.52 -15.03
CA CYS D 169 -3.81 22.65 -13.88
C CYS D 169 -3.74 23.49 -12.63
N THR D 170 -4.74 23.32 -11.76
CA THR D 170 -4.83 24.09 -10.54
C THR D 170 -4.70 23.17 -9.33
N ASP D 171 -4.09 23.66 -8.28
CA ASP D 171 -3.90 22.83 -7.11
C ASP D 171 -5.24 22.40 -6.53
N PRO D 172 -5.36 21.10 -6.20
CA PRO D 172 -6.60 20.56 -5.64
C PRO D 172 -6.97 21.25 -4.33
N GLN D 173 -5.96 21.75 -3.62
CA GLN D 173 -6.18 22.44 -2.36
C GLN D 173 -5.12 23.49 -2.04
N PRO D 174 -5.54 24.59 -1.41
CA PRO D 174 -4.67 25.71 -1.02
C PRO D 174 -3.52 25.37 -0.08
N LEU D 175 -2.46 26.16 -0.20
CA LEU D 175 -1.25 25.98 0.60
C LEU D 175 -1.28 26.89 1.83
N LYS D 176 -1.02 26.30 3.00
CA LYS D 176 -0.98 27.06 4.24
C LYS D 176 0.36 27.79 4.12
N GLU D 177 0.35 29.12 4.20
CA GLU D 177 1.57 29.90 4.08
C GLU D 177 2.42 29.90 5.34
N GLN D 178 1.84 29.42 6.44
CA GLN D 178 2.50 29.29 7.74
C GLN D 178 1.81 28.10 8.41
N PRO D 179 2.16 26.87 8.00
CA PRO D 179 1.60 25.62 8.51
C PRO D 179 1.39 25.62 10.02
N ALA D 180 2.37 26.15 10.73
CA ALA D 180 2.35 26.20 12.18
C ALA D 180 1.45 27.26 12.81
N LEU D 181 0.67 27.98 12.01
CA LEU D 181 -0.24 28.98 12.57
C LEU D 181 -1.69 28.60 12.34
N ASN D 182 -2.52 28.79 13.35
CA ASN D 182 -3.94 28.44 13.24
C ASN D 182 -4.67 29.42 12.32
N ASP D 183 -4.20 30.66 12.28
CA ASP D 183 -4.81 31.68 11.43
C ASP D 183 -3.98 32.03 10.20
N SER D 184 -3.12 31.11 9.79
CA SER D 184 -2.30 31.31 8.61
C SER D 184 -3.11 31.66 7.37
N ARG D 185 -2.46 32.31 6.40
CA ARG D 185 -3.12 32.68 5.16
C ARG D 185 -2.73 31.68 4.09
N TYR D 186 -3.53 31.56 3.03
CA TYR D 186 -3.24 30.59 1.99
C TYR D 186 -2.79 31.11 0.63
N ALA D 187 -2.29 30.18 -0.18
CA ALA D 187 -1.82 30.41 -1.55
C ALA D 187 -2.42 29.33 -2.45
N LEU D 188 -2.58 29.65 -3.72
CA LEU D 188 -3.10 28.69 -4.68
C LEU D 188 -2.41 28.97 -5.98
N SER D 189 -2.01 27.94 -6.69
CA SER D 189 -1.36 28.18 -7.95
C SER D 189 -2.06 27.43 -9.08
N SER D 190 -1.93 27.97 -10.28
CA SER D 190 -2.55 27.34 -11.42
C SER D 190 -1.62 27.44 -12.59
N ARG D 191 -1.78 26.54 -13.55
CA ARG D 191 -0.95 26.53 -14.74
C ARG D 191 -1.80 26.47 -15.99
N LEU D 192 -1.35 27.17 -17.02
CA LEU D 192 -2.00 27.23 -18.32
C LEU D 192 -0.87 27.11 -19.34
N ARG D 193 -0.87 26.03 -20.12
CA ARG D 193 0.20 25.85 -21.10
C ARG D 193 -0.30 25.86 -22.51
N VAL D 194 0.28 26.73 -23.33
CA VAL D 194 -0.14 26.84 -24.71
C VAL D 194 1.04 26.59 -25.64
N SER D 195 0.76 26.57 -26.94
CA SER D 195 1.83 26.35 -27.90
C SER D 195 2.61 27.66 -27.93
N ALA D 196 3.91 27.58 -28.21
CA ALA D 196 4.71 28.79 -28.28
C ALA D 196 4.19 29.71 -29.38
N THR D 197 3.55 29.16 -30.41
CA THR D 197 3.02 30.02 -31.47
C THR D 197 1.88 30.87 -30.92
N PHE D 198 0.96 30.25 -30.19
CA PHE D 198 -0.16 30.98 -29.61
C PHE D 198 0.34 32.08 -28.67
N TRP D 199 1.40 31.79 -27.93
CA TRP D 199 1.94 32.76 -26.99
C TRP D 199 2.67 33.92 -27.64
N GLN D 200 3.18 33.71 -28.86
CA GLN D 200 3.93 34.74 -29.54
C GLN D 200 3.03 35.72 -30.31
N ASN D 201 1.73 35.46 -30.32
CA ASN D 201 0.80 36.37 -30.99
C ASN D 201 0.46 37.44 -29.95
N PRO D 202 0.92 38.68 -30.17
CA PRO D 202 0.67 39.79 -29.25
C PRO D 202 -0.80 40.16 -29.16
N ARG D 203 -1.63 39.57 -30.00
CA ARG D 203 -3.04 39.92 -29.95
C ARG D 203 -3.74 39.06 -28.91
N ASN D 204 -3.08 38.00 -28.45
CA ASN D 204 -3.64 37.12 -27.44
C ASN D 204 -3.57 37.70 -26.01
N HIS D 205 -4.70 37.61 -25.31
CA HIS D 205 -4.87 38.13 -23.95
C HIS D 205 -5.16 36.97 -22.95
N PHE D 206 -4.29 36.81 -21.94
CA PHE D 206 -4.43 35.75 -20.94
C PHE D 206 -4.87 36.36 -19.61
N ARG D 207 -5.97 35.89 -19.04
CA ARG D 207 -6.45 36.44 -17.77
C ARG D 207 -6.79 35.43 -16.68
N CYS D 208 -6.10 35.54 -15.55
CA CYS D 208 -6.29 34.67 -14.40
C CYS D 208 -7.41 35.24 -13.52
N GLN D 209 -8.49 34.49 -13.34
CA GLN D 209 -9.61 34.96 -12.53
C GLN D 209 -9.77 34.17 -11.24
N VAL D 210 -9.69 34.87 -10.10
CA VAL D 210 -9.80 34.23 -8.79
C VAL D 210 -10.94 34.79 -7.94
N GLN D 211 -11.99 33.96 -7.76
CA GLN D 211 -13.18 34.35 -6.97
C GLN D 211 -12.93 34.16 -5.49
N PHE D 212 -13.12 35.22 -4.73
CA PHE D 212 -12.90 35.15 -3.30
C PHE D 212 -14.18 35.27 -2.50
N TYR D 213 -14.34 34.37 -1.54
CA TYR D 213 -15.50 34.36 -0.66
C TYR D 213 -15.08 34.90 0.71
N GLY D 214 -15.60 36.07 1.06
CA GLY D 214 -15.25 36.67 2.33
C GLY D 214 -16.44 37.24 3.05
N LEU D 215 -16.28 38.43 3.61
CA LEU D 215 -17.35 39.11 4.34
C LEU D 215 -18.47 39.56 3.42
N SER D 216 -19.61 39.94 4.01
CA SER D 216 -20.73 40.43 3.22
C SER D 216 -20.66 41.94 3.34
N GLU D 217 -21.51 42.66 2.61
CA GLU D 217 -21.50 44.11 2.68
C GLU D 217 -22.15 44.56 3.98
N ASN D 218 -22.60 43.59 4.77
CA ASN D 218 -23.26 43.82 6.05
C ASN D 218 -22.30 43.96 7.21
N ASP D 219 -21.32 43.06 7.25
CA ASP D 219 -20.31 43.04 8.31
C ASP D 219 -19.62 44.37 8.57
N GLU D 220 -19.52 44.70 9.85
CA GLU D 220 -18.89 45.95 10.28
C GLU D 220 -17.42 45.90 9.91
N TRP D 221 -16.74 47.03 9.89
CA TRP D 221 -15.33 47.05 9.53
C TRP D 221 -14.64 48.36 9.96
N THR D 222 -13.71 48.25 10.89
CA THR D 222 -13.00 49.40 11.45
C THR D 222 -11.53 49.62 11.03
N GLN D 223 -10.94 48.63 10.37
CA GLN D 223 -9.54 48.73 9.93
C GLN D 223 -9.36 49.76 8.81
N ASP D 224 -8.10 50.07 8.49
CA ASP D 224 -7.81 51.05 7.43
C ASP D 224 -7.93 50.43 6.03
N ARG D 225 -7.31 49.26 5.84
CA ARG D 225 -7.32 48.57 4.55
C ARG D 225 -8.75 48.26 4.12
N ALA D 226 -8.94 48.15 2.82
CA ALA D 226 -10.27 47.88 2.26
C ALA D 226 -10.95 46.65 2.87
N LYS D 227 -12.26 46.76 3.04
CA LYS D 227 -13.08 45.70 3.61
C LYS D 227 -12.95 44.44 2.72
N PRO D 228 -12.47 43.32 3.31
CA PRO D 228 -12.26 42.04 2.61
C PRO D 228 -13.54 41.29 2.22
N VAL D 229 -14.40 41.97 1.49
CA VAL D 229 -15.67 41.40 1.03
C VAL D 229 -15.48 40.32 -0.04
N THR D 230 -16.59 39.67 -0.38
CA THR D 230 -16.62 38.64 -1.41
C THR D 230 -16.38 39.39 -2.72
N GLN D 231 -15.38 38.99 -3.48
CA GLN D 231 -15.07 39.71 -4.69
C GLN D 231 -14.25 38.87 -5.68
N ILE D 232 -14.04 39.41 -6.87
CA ILE D 232 -13.22 38.74 -7.87
C ILE D 232 -11.97 39.59 -8.10
N VAL D 233 -10.81 38.95 -8.20
CA VAL D 233 -9.57 39.68 -8.43
C VAL D 233 -8.90 39.03 -9.63
N SER D 234 -8.45 39.83 -10.59
CA SER D 234 -7.81 39.26 -11.77
C SER D 234 -6.37 39.69 -11.97
N ALA D 235 -5.75 39.15 -13.01
CA ALA D 235 -4.37 39.45 -13.36
C ALA D 235 -4.24 39.06 -14.84
N GLU D 236 -3.47 39.83 -15.61
CA GLU D 236 -3.33 39.46 -17.00
C GLU D 236 -1.98 39.52 -17.65
N ALA D 237 -1.96 39.08 -18.89
CA ALA D 237 -0.77 39.02 -19.69
C ALA D 237 -1.22 39.07 -21.13
N TRP D 238 -0.33 39.56 -21.99
CA TRP D 238 -0.59 39.64 -23.43
C TRP D 238 0.58 38.94 -24.12
N GLY D 239 0.33 38.37 -25.29
CA GLY D 239 1.37 37.68 -26.03
C GLY D 239 2.58 38.55 -26.30
N ARG D 240 3.75 37.94 -26.45
CA ARG D 240 4.96 38.70 -26.70
C ARG D 240 5.68 38.19 -27.94
N ALA D 241 5.87 39.09 -28.92
CA ALA D 241 6.51 38.79 -30.18
C ALA D 241 7.84 38.04 -30.07
N ASP D 242 8.07 37.14 -31.02
CA ASP D 242 9.27 36.30 -31.08
C ASP D 242 10.53 37.15 -31.03
#